data_1JDT
#
_entry.id   1JDT
#
_cell.length_a   101.6
_cell.length_b   176.3
_cell.length_c   87.1
_cell.angle_alpha   90.0
_cell.angle_beta   90.0
_cell.angle_gamma   90.0
#
_symmetry.space_group_name_H-M   'C 2 2 21'
#
loop_
_entity.id
_entity.type
_entity.pdbx_description
1 polymer "5'-METHYLTHIOADENOSINE PHOSPHORYLASE"
2 non-polymer 'SULFATE ION'
3 non-polymer "5'-DEOXY-5'-METHYLTHIOADENOSINE"
4 water water
#
_entity_poly.entity_id   1
_entity_poly.type   'polypeptide(L)'
_entity_poly.pdbx_seq_one_letter_code
;MNPVHILAKKGEVAERVLVVGDPGRARLLSTLLQNPKLTNENRGFLVYTGKYNGETVSIATHGIGGPSIAIVLEELAMLG
ANVFIRYGTTGALVPYINLGEYIIVTGASYNQGGLFYQYLRDNACVASTPDFELTNKLVTSFSKRNLKYYVGNVFSSDAF
YAEDEEFVKKWSSRGNIAVEMECATLFTLSKVKGWKSATVLVVSDNLAKGGIWITKEELEKSVMDGAKAVLDTLTS
;
_entity_poly.pdbx_strand_id   A,B,C
#
# COMPACT_ATOMS: atom_id res chain seq x y z
N ASN A 2 -16.79 27.87 -20.55
CA ASN A 2 -17.44 29.15 -20.15
C ASN A 2 -18.21 29.00 -18.83
N PRO A 3 -17.60 29.41 -17.71
CA PRO A 3 -18.18 29.35 -16.36
C PRO A 3 -19.59 29.92 -16.24
N VAL A 4 -20.46 29.21 -15.54
CA VAL A 4 -21.83 29.66 -15.35
C VAL A 4 -22.15 29.96 -13.88
N HIS A 5 -21.17 29.78 -13.00
CA HIS A 5 -21.37 30.04 -11.57
C HIS A 5 -20.57 31.26 -11.13
N ILE A 6 -19.30 31.30 -11.52
CA ILE A 6 -18.44 32.44 -11.21
C ILE A 6 -18.34 33.25 -12.50
N LEU A 7 -19.02 34.40 -12.50
CA LEU A 7 -19.05 35.26 -13.68
C LEU A 7 -17.92 36.26 -13.82
N ALA A 8 -16.77 35.96 -13.23
CA ALA A 8 -15.62 36.87 -13.34
C ALA A 8 -15.10 36.79 -14.77
N LYS A 9 -14.60 37.92 -15.27
CA LYS A 9 -14.05 37.96 -16.62
C LYS A 9 -12.63 37.42 -16.55
N LYS A 10 -12.14 36.83 -17.63
CA LYS A 10 -10.78 36.31 -17.61
C LYS A 10 -9.84 37.49 -17.38
N GLY A 11 -8.70 37.22 -16.76
CA GLY A 11 -7.76 38.29 -16.48
C GLY A 11 -8.07 38.90 -15.14
N GLU A 12 -9.28 38.66 -14.63
CA GLU A 12 -9.68 39.19 -13.33
C GLU A 12 -9.44 38.17 -12.22
N VAL A 13 -9.04 36.97 -12.61
CA VAL A 13 -8.73 35.92 -11.64
C VAL A 13 -7.24 35.65 -11.78
N ALA A 14 -6.53 35.68 -10.66
CA ALA A 14 -5.08 35.46 -10.63
C ALA A 14 -4.69 33.98 -10.78
N GLU A 15 -3.43 33.73 -11.10
CA GLU A 15 -2.97 32.34 -11.23
C GLU A 15 -2.95 31.71 -9.84
N ARG A 16 -2.63 32.52 -8.83
CA ARG A 16 -2.58 32.07 -7.45
C ARG A 16 -3.86 32.47 -6.73
N VAL A 17 -4.52 31.49 -6.13
CA VAL A 17 -5.77 31.76 -5.42
C VAL A 17 -5.81 31.18 -4.02
N LEU A 18 -6.33 31.97 -3.09
CA LEU A 18 -6.50 31.56 -1.71
C LEU A 18 -7.99 31.23 -1.59
N VAL A 19 -8.33 29.96 -1.38
CA VAL A 19 -9.73 29.59 -1.31
C VAL A 19 -10.28 29.33 0.09
N VAL A 20 -11.45 29.88 0.37
CA VAL A 20 -12.12 29.72 1.67
C VAL A 20 -13.59 29.36 1.48
N GLY A 21 -14.17 28.62 2.42
CA GLY A 21 -15.56 28.23 2.27
C GLY A 21 -16.59 29.32 2.55
N ASP A 22 -16.26 30.18 3.50
CA ASP A 22 -17.13 31.27 3.95
C ASP A 22 -16.91 32.58 3.19
N PRO A 23 -17.95 33.08 2.48
CA PRO A 23 -17.84 34.34 1.72
C PRO A 23 -17.36 35.47 2.64
N GLY A 24 -17.81 35.41 3.90
CA GLY A 24 -17.45 36.42 4.88
C GLY A 24 -15.96 36.43 5.19
N ARG A 25 -15.33 35.25 5.15
CA ARG A 25 -13.90 35.20 5.42
C ARG A 25 -13.15 35.76 4.23
N ALA A 26 -13.71 35.56 3.03
CA ALA A 26 -13.10 36.05 1.80
C ALA A 26 -13.04 37.58 1.89
N ARG A 27 -14.12 38.20 2.33
CA ARG A 27 -14.16 39.64 2.45
C ARG A 27 -13.17 40.10 3.52
N LEU A 28 -13.21 39.45 4.68
CA LEU A 28 -12.30 39.80 5.77
C LEU A 28 -10.86 39.73 5.30
N LEU A 29 -10.50 38.64 4.64
CA LEU A 29 -9.13 38.48 4.16
C LEU A 29 -8.72 39.41 3.03
N SER A 30 -9.68 39.88 2.24
CA SER A 30 -9.36 40.78 1.13
C SER A 30 -8.76 42.08 1.69
N THR A 31 -9.06 42.30 2.96
CA THR A 31 -8.59 43.46 3.72
C THR A 31 -7.06 43.47 3.81
N LEU A 32 -6.46 42.31 3.62
CA LEU A 32 -5.00 42.19 3.70
C LEU A 32 -4.34 42.42 2.35
N LEU A 33 -5.13 42.58 1.32
CA LEU A 33 -4.60 42.81 -0.02
C LEU A 33 -4.51 44.30 -0.32
N GLN A 34 -3.73 44.63 -1.35
CA GLN A 34 -3.59 46.02 -1.78
C GLN A 34 -4.58 46.25 -2.90
N ASN A 35 -5.42 47.28 -2.73
CA ASN A 35 -6.41 47.63 -3.72
C ASN A 35 -7.29 46.45 -4.16
N PRO A 36 -7.94 45.78 -3.19
CA PRO A 36 -8.81 44.64 -3.52
C PRO A 36 -10.01 45.05 -4.37
N LYS A 37 -10.29 44.25 -5.40
CA LYS A 37 -11.43 44.48 -6.28
C LYS A 37 -12.32 43.24 -6.27
N LEU A 38 -13.63 43.45 -6.15
CA LEU A 38 -14.59 42.34 -6.14
C LEU A 38 -14.86 41.93 -7.59
N THR A 39 -14.29 40.80 -8.01
CA THR A 39 -14.43 40.29 -9.38
C THR A 39 -15.64 39.39 -9.64
N ASN A 40 -16.34 38.97 -8.59
CA ASN A 40 -17.53 38.14 -8.77
C ASN A 40 -18.32 38.01 -7.49
N GLU A 41 -19.65 38.02 -7.64
CA GLU A 41 -20.53 37.87 -6.49
C GLU A 41 -21.67 36.91 -6.84
N ASN A 42 -21.67 36.41 -8.06
CA ASN A 42 -22.72 35.48 -8.50
C ASN A 42 -22.85 34.26 -7.58
N ARG A 43 -24.10 33.90 -7.32
CA ARG A 43 -24.43 32.77 -6.46
C ARG A 43 -23.79 32.83 -5.11
N GLY A 44 -23.35 34.03 -4.73
CA GLY A 44 -22.74 34.20 -3.43
C GLY A 44 -21.26 33.87 -3.37
N PHE A 45 -20.69 33.36 -4.45
CA PHE A 45 -19.27 33.02 -4.45
C PHE A 45 -18.38 34.25 -4.67
N LEU A 46 -18.10 34.96 -3.59
CA LEU A 46 -17.29 36.15 -3.67
C LEU A 46 -15.85 35.89 -4.05
N VAL A 47 -15.36 36.64 -5.01
CA VAL A 47 -13.97 36.52 -5.45
C VAL A 47 -13.34 37.92 -5.46
N TYR A 48 -12.22 38.08 -4.77
CA TYR A 48 -11.52 39.36 -4.74
C TYR A 48 -10.15 39.20 -5.37
N THR A 49 -9.72 40.21 -6.10
CA THR A 49 -8.41 40.17 -6.73
C THR A 49 -7.65 41.46 -6.42
N GLY A 50 -6.38 41.30 -6.03
CA GLY A 50 -5.55 42.46 -5.70
C GLY A 50 -4.09 42.05 -5.60
N LYS A 51 -3.28 42.85 -4.93
CA LYS A 51 -1.87 42.53 -4.81
C LYS A 51 -1.38 42.28 -3.40
N TYR A 52 -0.26 41.55 -3.32
CA TYR A 52 0.40 41.20 -2.06
C TYR A 52 1.85 40.87 -2.40
N ASN A 53 2.79 41.60 -1.80
CA ASN A 53 4.21 41.39 -2.06
C ASN A 53 4.51 41.38 -3.55
N GLY A 54 4.18 42.48 -4.23
CA GLY A 54 4.42 42.58 -5.66
C GLY A 54 3.97 41.37 -6.45
N GLU A 55 2.79 40.87 -6.15
CA GLU A 55 2.26 39.71 -6.84
C GLU A 55 0.74 39.76 -6.83
N THR A 56 0.11 39.39 -7.94
CA THR A 56 -1.34 39.39 -8.04
C THR A 56 -1.90 38.11 -7.40
N VAL A 57 -2.91 38.29 -6.57
CA VAL A 57 -3.55 37.17 -5.87
C VAL A 57 -5.06 37.36 -5.74
N SER A 58 -5.79 36.25 -5.82
CA SER A 58 -7.24 36.29 -5.67
C SER A 58 -7.61 35.47 -4.44
N ILE A 59 -8.71 35.84 -3.81
CA ILE A 59 -9.23 35.14 -2.65
C ILE A 59 -10.64 34.77 -3.12
N ALA A 60 -10.95 33.48 -3.13
CA ALA A 60 -12.24 33.01 -3.59
C ALA A 60 -13.04 32.15 -2.60
N THR A 61 -14.36 32.27 -2.67
CA THR A 61 -15.27 31.51 -1.82
C THR A 61 -15.62 30.20 -2.55
N HIS A 62 -15.54 29.06 -1.86
CA HIS A 62 -15.88 27.79 -2.50
C HIS A 62 -17.12 27.10 -1.93
N GLY A 63 -17.77 27.70 -0.94
CA GLY A 63 -18.94 27.08 -0.35
C GLY A 63 -18.64 25.82 0.47
N ILE A 64 -19.67 25.00 0.71
CA ILE A 64 -19.49 23.78 1.47
C ILE A 64 -19.59 22.49 0.66
N GLY A 65 -18.68 21.57 0.91
CA GLY A 65 -18.72 20.27 0.24
C GLY A 65 -17.96 20.06 -1.04
N GLY A 66 -17.68 18.80 -1.33
CA GLY A 66 -16.96 18.45 -2.54
C GLY A 66 -17.58 18.97 -3.82
N PRO A 67 -18.88 18.72 -4.05
CA PRO A 67 -19.52 19.20 -5.29
C PRO A 67 -19.34 20.71 -5.49
N SER A 68 -19.52 21.47 -4.41
CA SER A 68 -19.39 22.92 -4.46
C SER A 68 -17.98 23.34 -4.85
N ILE A 69 -16.98 22.88 -4.10
CA ILE A 69 -15.62 23.27 -4.40
C ILE A 69 -15.13 22.78 -5.78
N ALA A 70 -15.60 21.61 -6.22
CA ALA A 70 -15.20 21.09 -7.53
C ALA A 70 -15.63 22.07 -8.60
N ILE A 71 -16.84 22.62 -8.46
CA ILE A 71 -17.35 23.58 -9.43
C ILE A 71 -16.50 24.86 -9.41
N VAL A 72 -16.24 25.40 -8.23
CA VAL A 72 -15.45 26.63 -8.11
C VAL A 72 -14.03 26.49 -8.67
N LEU A 73 -13.35 25.41 -8.32
CA LEU A 73 -12.01 25.17 -8.81
C LEU A 73 -12.01 25.05 -10.35
N GLU A 74 -12.92 24.25 -10.88
CA GLU A 74 -13.00 24.09 -12.33
C GLU A 74 -13.13 25.44 -13.03
N GLU A 75 -14.05 26.27 -12.55
CA GLU A 75 -14.28 27.56 -13.16
C GLU A 75 -13.14 28.55 -12.97
N LEU A 76 -12.51 28.55 -11.79
CA LEU A 76 -11.39 29.46 -11.56
C LEU A 76 -10.26 29.08 -12.52
N ALA A 77 -10.07 27.77 -12.70
CA ALA A 77 -9.03 27.24 -13.58
C ALA A 77 -9.30 27.67 -15.03
N MET A 78 -10.58 27.70 -15.41
CA MET A 78 -10.97 28.11 -16.76
C MET A 78 -10.63 29.60 -16.93
N LEU A 79 -10.59 30.32 -15.82
CA LEU A 79 -10.30 31.74 -15.86
C LEU A 79 -8.81 32.03 -15.63
N GLY A 80 -7.99 30.99 -15.58
CA GLY A 80 -6.56 31.17 -15.40
C GLY A 80 -5.87 30.69 -14.13
N ALA A 81 -6.61 30.26 -13.11
CA ALA A 81 -5.99 29.80 -11.88
C ALA A 81 -5.35 28.42 -12.02
N ASN A 82 -4.24 28.20 -11.32
CA ASN A 82 -3.53 26.91 -11.37
C ASN A 82 -2.84 26.56 -10.04
N VAL A 83 -2.88 27.48 -9.08
CA VAL A 83 -2.30 27.26 -7.77
C VAL A 83 -3.37 27.64 -6.75
N PHE A 84 -3.73 26.69 -5.88
CA PHE A 84 -4.76 26.95 -4.88
C PHE A 84 -4.33 26.53 -3.48
N ILE A 85 -4.63 27.39 -2.51
CA ILE A 85 -4.32 27.05 -1.14
C ILE A 85 -5.61 27.24 -0.35
N ARG A 86 -6.12 26.12 0.17
CA ARG A 86 -7.34 26.06 0.96
C ARG A 86 -7.04 26.55 2.37
N TYR A 87 -7.82 27.51 2.87
CA TYR A 87 -7.64 28.00 4.23
C TYR A 87 -9.02 27.90 4.89
N GLY A 88 -9.29 26.77 5.54
CA GLY A 88 -10.58 26.58 6.16
C GLY A 88 -10.55 26.31 7.65
N THR A 89 -11.64 25.73 8.15
CA THR A 89 -11.74 25.39 9.56
C THR A 89 -11.90 23.88 9.66
N THR A 90 -11.60 23.32 10.81
CA THR A 90 -11.68 21.89 10.96
C THR A 90 -11.94 21.45 12.40
N GLY A 91 -12.51 20.25 12.53
CA GLY A 91 -12.76 19.71 13.86
C GLY A 91 -11.66 18.71 14.17
N ALA A 92 -10.91 18.94 15.24
CA ALA A 92 -9.81 18.04 15.64
C ALA A 92 -10.30 16.66 16.10
N LEU A 93 -9.59 15.62 15.70
CA LEU A 93 -9.98 14.25 16.09
C LEU A 93 -9.10 13.73 17.22
N VAL A 94 -8.10 14.51 17.61
CA VAL A 94 -7.21 14.13 18.70
C VAL A 94 -7.26 15.16 19.84
N PRO A 95 -7.07 14.71 21.08
CA PRO A 95 -7.09 15.52 22.30
C PRO A 95 -6.06 16.64 22.47
N TYR A 96 -4.84 16.41 22.01
CA TYR A 96 -3.75 17.37 22.19
C TYR A 96 -3.71 18.63 21.32
N ILE A 97 -4.56 18.69 20.30
CA ILE A 97 -4.60 19.85 19.45
C ILE A 97 -5.64 20.80 20.04
N ASN A 98 -5.28 22.05 20.23
CA ASN A 98 -6.19 23.01 20.83
C ASN A 98 -6.89 23.95 19.86
N LEU A 99 -8.04 24.46 20.29
CA LEU A 99 -8.81 25.39 19.49
C LEU A 99 -7.93 26.58 19.13
N GLY A 100 -8.07 27.06 17.90
CA GLY A 100 -7.28 28.20 17.46
C GLY A 100 -5.94 27.87 16.85
N GLU A 101 -5.48 26.63 17.02
CA GLU A 101 -4.20 26.20 16.47
C GLU A 101 -4.40 25.75 15.01
N TYR A 102 -3.31 25.54 14.28
CA TYR A 102 -3.42 25.17 12.87
C TYR A 102 -2.96 23.78 12.48
N ILE A 103 -3.54 23.30 11.38
CA ILE A 103 -3.18 22.00 10.86
C ILE A 103 -2.81 22.17 9.39
N ILE A 104 -1.61 21.72 9.03
CA ILE A 104 -1.18 21.76 7.64
C ILE A 104 -1.44 20.33 7.19
N VAL A 105 -2.28 20.20 6.18
CA VAL A 105 -2.71 18.89 5.67
C VAL A 105 -1.74 18.16 4.75
N THR A 106 -1.52 16.89 5.03
CA THR A 106 -0.61 16.07 4.23
C THR A 106 -1.34 15.03 3.37
N GLY A 107 -2.64 14.88 3.60
CA GLY A 107 -3.41 13.91 2.86
C GLY A 107 -4.85 13.91 3.34
N ALA A 108 -5.75 13.38 2.52
CA ALA A 108 -7.15 13.36 2.90
C ALA A 108 -7.81 12.00 2.65
N SER A 109 -8.41 11.46 3.70
CA SER A 109 -9.13 10.20 3.57
C SER A 109 -10.54 10.57 3.12
N TYR A 110 -11.26 9.62 2.57
CA TYR A 110 -12.62 9.90 2.12
C TYR A 110 -13.37 8.61 1.84
N ASN A 111 -14.69 8.70 1.87
CA ASN A 111 -15.52 7.55 1.56
C ASN A 111 -15.73 7.56 0.06
N GLN A 112 -15.64 6.39 -0.55
CA GLN A 112 -15.83 6.25 -1.99
C GLN A 112 -17.21 6.72 -2.38
N GLY A 113 -17.40 7.02 -3.66
CA GLY A 113 -18.73 7.46 -4.06
C GLY A 113 -18.82 8.55 -5.09
N GLY A 114 -20.06 8.99 -5.30
CA GLY A 114 -20.40 10.02 -6.25
C GLY A 114 -19.34 10.79 -6.99
N LEU A 115 -18.97 11.94 -6.46
CA LEU A 115 -18.01 12.81 -7.10
C LEU A 115 -16.77 12.09 -7.60
N PHE A 116 -16.13 11.31 -6.74
CA PHE A 116 -14.93 10.59 -7.13
C PHE A 116 -15.18 9.60 -8.26
N TYR A 117 -16.29 8.87 -8.15
CA TYR A 117 -16.65 7.89 -9.17
C TYR A 117 -16.88 8.58 -10.52
N GLN A 118 -17.56 9.73 -10.51
CA GLN A 118 -17.84 10.44 -11.75
C GLN A 118 -16.59 10.96 -12.44
N TYR A 119 -15.61 11.41 -11.67
CA TYR A 119 -14.36 11.93 -12.23
C TYR A 119 -13.37 10.83 -12.58
N LEU A 120 -13.08 9.96 -11.62
CA LEU A 120 -12.13 8.86 -11.80
C LEU A 120 -12.67 7.70 -12.67
N ARG A 121 -13.98 7.59 -12.75
CA ARG A 121 -14.65 6.55 -13.54
C ARG A 121 -14.61 5.11 -12.97
N ASP A 122 -14.13 4.97 -11.75
CA ASP A 122 -14.12 3.69 -11.04
C ASP A 122 -13.94 3.97 -9.56
N ASN A 123 -13.87 2.94 -8.72
CA ASN A 123 -13.75 3.16 -7.29
C ASN A 123 -12.35 3.09 -6.69
N ALA A 124 -11.33 3.18 -7.56
CA ALA A 124 -9.95 3.12 -7.10
C ALA A 124 -9.66 4.17 -6.03
N CYS A 125 -8.81 3.82 -5.08
CA CYS A 125 -8.43 4.77 -4.05
C CYS A 125 -7.18 5.53 -4.50
N VAL A 126 -7.42 6.62 -5.21
CA VAL A 126 -6.33 7.46 -5.70
C VAL A 126 -5.74 8.25 -4.52
N ALA A 127 -4.42 8.35 -4.46
CA ALA A 127 -3.76 9.09 -3.37
C ALA A 127 -4.20 10.56 -3.42
N SER A 128 -4.93 10.99 -2.40
CA SER A 128 -5.43 12.36 -2.34
C SER A 128 -4.48 13.17 -1.47
N THR A 129 -3.42 13.66 -2.10
CA THR A 129 -2.41 14.42 -1.41
C THR A 129 -2.19 15.78 -2.06
N PRO A 130 -1.64 16.74 -1.30
CA PRO A 130 -1.38 18.09 -1.80
C PRO A 130 -0.02 18.12 -2.48
N ASP A 131 0.30 19.24 -3.12
CA ASP A 131 1.58 19.41 -3.77
C ASP A 131 2.66 19.43 -2.70
N PHE A 132 3.65 18.55 -2.86
CA PHE A 132 4.76 18.44 -1.91
C PHE A 132 5.52 19.74 -1.67
N GLU A 133 6.03 20.37 -2.73
CA GLU A 133 6.78 21.61 -2.59
C GLU A 133 5.97 22.69 -1.87
N LEU A 134 4.78 22.98 -2.37
CA LEU A 134 3.92 24.01 -1.79
C LEU A 134 3.61 23.75 -0.31
N THR A 135 3.39 22.49 0.04
CA THR A 135 3.10 22.17 1.43
C THR A 135 4.31 22.41 2.34
N ASN A 136 5.50 22.06 1.88
CA ASN A 136 6.68 22.31 2.69
C ASN A 136 6.89 23.82 2.85
N LYS A 137 6.46 24.57 1.83
CA LYS A 137 6.56 26.03 1.83
C LYS A 137 5.69 26.55 2.98
N LEU A 138 4.46 26.07 3.06
CA LEU A 138 3.55 26.47 4.12
C LEU A 138 4.15 26.21 5.49
N VAL A 139 4.65 24.99 5.68
CA VAL A 139 5.27 24.61 6.96
C VAL A 139 6.36 25.61 7.34
N THR A 140 7.15 26.00 6.35
CA THR A 140 8.23 26.95 6.59
C THR A 140 7.67 28.31 6.98
N SER A 141 6.64 28.77 6.28
CA SER A 141 6.04 30.06 6.58
C SER A 141 5.44 30.12 7.97
N PHE A 142 4.81 29.04 8.40
CA PHE A 142 4.20 29.02 9.73
C PHE A 142 5.24 28.97 10.84
N SER A 143 6.37 28.33 10.57
CA SER A 143 7.45 28.27 11.55
C SER A 143 8.09 29.64 11.69
N LYS A 144 8.33 30.28 10.55
CA LYS A 144 8.94 31.60 10.54
C LYS A 144 8.07 32.63 11.27
N ARG A 145 6.78 32.31 11.41
CA ARG A 145 5.86 33.21 12.10
C ARG A 145 5.54 32.72 13.50
N ASN A 146 6.26 31.70 13.95
CA ASN A 146 6.08 31.15 15.30
C ASN A 146 4.65 30.78 15.63
N LEU A 147 3.94 30.19 14.67
CA LEU A 147 2.56 29.78 14.89
C LEU A 147 2.53 28.29 15.23
N LYS A 148 1.66 27.92 16.16
CA LYS A 148 1.54 26.52 16.57
C LYS A 148 0.74 25.73 15.53
N TYR A 149 1.41 24.77 14.89
CA TYR A 149 0.76 23.96 13.86
C TYR A 149 1.08 22.49 14.01
N TYR A 150 0.24 21.66 13.41
CA TYR A 150 0.44 20.22 13.42
C TYR A 150 0.37 19.80 11.97
N VAL A 151 1.03 18.70 11.64
CA VAL A 151 1.01 18.22 10.28
C VAL A 151 0.45 16.81 10.25
N GLY A 152 -0.60 16.59 9.45
CA GLY A 152 -1.20 15.28 9.37
C GLY A 152 -2.30 15.15 8.33
N ASN A 153 -2.91 13.96 8.28
CA ASN A 153 -3.98 13.69 7.35
C ASN A 153 -5.32 14.09 7.96
N VAL A 154 -6.31 14.33 7.11
CA VAL A 154 -7.63 14.69 7.59
C VAL A 154 -8.64 13.80 6.86
N PHE A 155 -9.85 13.71 7.40
CA PHE A 155 -10.90 12.96 6.75
C PHE A 155 -11.89 13.98 6.18
N SER A 156 -12.12 13.91 4.86
CA SER A 156 -13.06 14.81 4.21
C SER A 156 -14.43 14.15 4.21
N SER A 157 -15.27 14.59 5.15
CA SER A 157 -16.62 14.05 5.29
C SER A 157 -17.62 14.74 4.35
N ASP A 158 -18.65 14.00 3.95
CA ASP A 158 -19.68 14.58 3.09
C ASP A 158 -20.96 14.87 3.88
N ALA A 159 -21.01 14.39 5.12
CA ALA A 159 -22.20 14.57 5.94
C ALA A 159 -21.84 15.09 7.32
N PHE A 160 -21.84 16.41 7.46
CA PHE A 160 -21.51 17.06 8.71
C PHE A 160 -22.29 16.50 9.91
N TYR A 161 -23.59 16.28 9.74
CA TYR A 161 -24.41 15.79 10.84
C TYR A 161 -24.51 14.29 11.00
N ALA A 162 -23.50 13.58 10.50
CA ALA A 162 -23.41 12.15 10.61
C ALA A 162 -21.99 11.88 11.13
N GLU A 163 -21.62 12.60 12.20
CA GLU A 163 -20.32 12.48 12.82
C GLU A 163 -20.45 12.20 14.33
N ASP A 164 -20.87 10.99 14.65
CA ASP A 164 -21.09 10.54 16.03
C ASP A 164 -19.83 10.14 16.81
N GLU A 165 -20.04 9.41 17.91
CA GLU A 165 -18.96 8.95 18.77
C GLU A 165 -18.06 7.90 18.10
N GLU A 166 -18.69 6.86 17.55
CA GLU A 166 -17.94 5.81 16.86
C GLU A 166 -17.05 6.46 15.82
N PHE A 167 -17.59 7.50 15.20
CA PHE A 167 -16.91 8.27 14.16
C PHE A 167 -15.50 8.72 14.55
N VAL A 168 -15.40 9.47 15.64
CA VAL A 168 -14.12 9.99 16.10
C VAL A 168 -13.06 8.91 16.31
N LYS A 169 -13.42 7.83 17.00
CA LYS A 169 -12.47 6.75 17.25
C LYS A 169 -12.02 6.08 15.96
N LYS A 170 -12.98 5.82 15.07
CA LYS A 170 -12.68 5.17 13.81
C LYS A 170 -11.67 5.95 12.98
N TRP A 171 -11.96 7.23 12.71
CA TRP A 171 -11.07 8.03 11.90
C TRP A 171 -9.73 8.39 12.53
N SER A 172 -9.70 8.64 13.84
CA SER A 172 -8.43 8.96 14.47
C SER A 172 -7.54 7.72 14.50
N SER A 173 -8.15 6.54 14.60
CA SER A 173 -7.37 5.30 14.62
C SER A 173 -6.85 4.99 13.23
N ARG A 174 -7.35 5.70 12.23
CA ARG A 174 -6.91 5.50 10.86
C ARG A 174 -5.85 6.52 10.48
N GLY A 175 -5.28 7.21 11.47
CA GLY A 175 -4.24 8.19 11.20
C GLY A 175 -4.64 9.61 10.83
N ASN A 176 -5.90 9.98 11.01
CA ASN A 176 -6.35 11.33 10.69
C ASN A 176 -6.43 12.12 11.98
N ILE A 177 -5.99 13.38 11.96
CA ILE A 177 -6.05 14.19 13.17
C ILE A 177 -7.16 15.23 13.15
N ALA A 178 -7.92 15.30 12.06
CA ALA A 178 -9.02 16.27 11.96
C ALA A 178 -10.04 15.91 10.89
N VAL A 179 -11.18 16.59 10.92
CA VAL A 179 -12.23 16.35 9.96
C VAL A 179 -12.73 17.68 9.36
N GLU A 180 -12.88 17.69 8.05
CA GLU A 180 -13.39 18.85 7.33
C GLU A 180 -14.17 18.29 6.15
N MET A 181 -14.47 19.08 5.13
CA MET A 181 -15.28 18.54 4.06
C MET A 181 -14.83 18.68 2.62
N GLU A 182 -13.76 19.42 2.35
CA GLU A 182 -13.38 19.55 0.96
C GLU A 182 -11.97 19.25 0.48
N CYS A 183 -11.07 18.89 1.39
CA CYS A 183 -9.68 18.60 0.99
C CYS A 183 -9.50 17.45 0.01
N ALA A 184 -10.20 16.35 0.23
CA ALA A 184 -10.06 15.22 -0.67
C ALA A 184 -10.42 15.64 -2.11
N THR A 185 -11.46 16.44 -2.26
CA THR A 185 -11.87 16.86 -3.59
C THR A 185 -10.82 17.78 -4.19
N LEU A 186 -10.34 18.71 -3.38
CA LEU A 186 -9.31 19.65 -3.84
C LEU A 186 -8.05 18.91 -4.29
N PHE A 187 -7.53 18.04 -3.45
CA PHE A 187 -6.31 17.30 -3.80
C PHE A 187 -6.48 16.40 -5.01
N THR A 188 -7.46 15.51 -4.97
CA THR A 188 -7.65 14.59 -6.08
C THR A 188 -7.90 15.30 -7.42
N LEU A 189 -8.80 16.28 -7.43
CA LEU A 189 -9.06 17.01 -8.66
C LEU A 189 -7.79 17.74 -9.14
N SER A 190 -7.02 18.29 -8.19
CA SER A 190 -5.81 19.00 -8.57
C SER A 190 -4.80 18.06 -9.22
N LYS A 191 -4.77 16.81 -8.77
CA LYS A 191 -3.87 15.82 -9.33
C LYS A 191 -4.29 15.48 -10.76
N VAL A 192 -5.60 15.35 -10.97
CA VAL A 192 -6.10 15.03 -12.30
C VAL A 192 -5.96 16.19 -13.29
N LYS A 193 -6.25 17.41 -12.84
CA LYS A 193 -6.18 18.58 -13.69
C LYS A 193 -4.80 19.22 -13.78
N GLY A 194 -3.89 18.79 -12.92
CA GLY A 194 -2.54 19.33 -12.94
C GLY A 194 -2.35 20.63 -12.16
N TRP A 195 -3.21 20.92 -11.19
CA TRP A 195 -3.06 22.15 -10.42
C TRP A 195 -2.17 21.87 -9.21
N LYS A 196 -1.59 22.92 -8.63
CA LYS A 196 -0.76 22.77 -7.43
C LYS A 196 -1.57 23.27 -6.23
N SER A 197 -1.92 22.35 -5.33
CA SER A 197 -2.74 22.71 -4.18
C SER A 197 -2.16 22.33 -2.83
N ALA A 198 -2.67 22.99 -1.80
CA ALA A 198 -2.26 22.77 -0.42
C ALA A 198 -3.40 23.25 0.48
N THR A 199 -3.31 22.95 1.77
CA THR A 199 -4.36 23.34 2.69
C THR A 199 -3.85 23.53 4.12
N VAL A 200 -4.35 24.57 4.80
CA VAL A 200 -4.04 24.78 6.20
C VAL A 200 -5.38 25.08 6.84
N LEU A 201 -5.62 24.45 7.99
CA LEU A 201 -6.89 24.59 8.69
C LEU A 201 -6.78 25.16 10.11
N VAL A 202 -7.79 25.91 10.51
CA VAL A 202 -7.84 26.47 11.86
C VAL A 202 -8.79 25.58 12.66
N VAL A 203 -8.32 25.12 13.82
CA VAL A 203 -9.12 24.26 14.67
C VAL A 203 -10.26 25.06 15.33
N SER A 204 -11.49 24.72 15.00
CA SER A 204 -12.65 25.42 15.52
C SER A 204 -13.39 24.61 16.58
N ASP A 205 -13.11 23.32 16.61
CA ASP A 205 -13.71 22.43 17.58
C ASP A 205 -12.85 21.18 17.74
N ASN A 206 -13.04 20.47 18.86
CA ASN A 206 -12.27 19.26 19.13
C ASN A 206 -13.25 18.15 19.47
N LEU A 207 -13.47 17.26 18.52
CA LEU A 207 -14.40 16.14 18.70
C LEU A 207 -13.92 15.14 19.74
N ALA A 208 -12.62 15.12 19.98
CA ALA A 208 -12.03 14.19 20.95
C ALA A 208 -12.38 14.64 22.36
N LYS A 209 -12.28 15.95 22.60
CA LYS A 209 -12.61 16.50 23.91
C LYS A 209 -13.92 17.28 23.83
N ILE A 214 -15.77 27.09 19.44
CA ILE A 214 -15.12 28.41 19.71
C ILE A 214 -15.93 29.57 19.16
N THR A 215 -15.72 30.75 19.75
CA THR A 215 -16.42 31.97 19.34
C THR A 215 -15.83 32.44 18.02
N LYS A 216 -16.62 33.15 17.22
CA LYS A 216 -16.12 33.62 15.95
C LYS A 216 -15.10 34.75 16.14
N GLU A 217 -14.97 35.21 17.38
CA GLU A 217 -14.01 36.26 17.71
C GLU A 217 -12.63 35.64 17.76
N GLU A 218 -12.50 34.59 18.56
CA GLU A 218 -11.24 33.87 18.71
C GLU A 218 -10.85 33.30 17.33
N LEU A 219 -11.84 32.89 16.55
CA LEU A 219 -11.59 32.34 15.22
C LEU A 219 -10.91 33.34 14.30
N GLU A 220 -11.54 34.50 14.12
CA GLU A 220 -10.97 35.53 13.26
C GLU A 220 -9.55 35.92 13.67
N LYS A 221 -9.28 35.94 14.97
CA LYS A 221 -7.94 36.27 15.45
C LYS A 221 -6.94 35.25 14.91
N SER A 222 -7.27 33.96 15.01
CA SER A 222 -6.40 32.92 14.51
C SER A 222 -6.34 32.98 13.00
N VAL A 223 -7.50 33.20 12.37
CA VAL A 223 -7.57 33.29 10.93
C VAL A 223 -6.64 34.38 10.42
N MET A 224 -6.79 35.57 10.99
CA MET A 224 -5.95 36.70 10.60
C MET A 224 -4.50 36.47 11.01
N ASP A 225 -4.29 35.91 12.19
CA ASP A 225 -2.92 35.65 12.66
C ASP A 225 -2.12 34.79 11.69
N GLY A 226 -2.77 33.84 11.04
CA GLY A 226 -2.06 32.98 10.11
C GLY A 226 -2.29 33.33 8.65
N ALA A 227 -3.15 34.30 8.41
CA ALA A 227 -3.46 34.72 7.04
C ALA A 227 -2.20 35.19 6.33
N LYS A 228 -1.33 35.89 7.07
CA LYS A 228 -0.10 36.39 6.47
C LYS A 228 0.83 35.26 6.06
N ALA A 229 0.87 34.20 6.87
CA ALA A 229 1.72 33.07 6.55
C ALA A 229 1.24 32.44 5.24
N VAL A 230 -0.07 32.32 5.10
CA VAL A 230 -0.65 31.75 3.89
C VAL A 230 -0.38 32.61 2.67
N LEU A 231 -0.63 33.91 2.77
CA LEU A 231 -0.40 34.80 1.65
C LEU A 231 1.09 34.90 1.28
N ASP A 232 1.96 34.80 2.28
CA ASP A 232 3.39 34.84 2.01
C ASP A 232 3.74 33.62 1.18
N THR A 233 3.21 32.47 1.57
CA THR A 233 3.46 31.23 0.85
C THR A 233 2.93 31.33 -0.57
N LEU A 234 1.71 31.83 -0.72
CA LEU A 234 1.11 31.96 -2.04
C LEU A 234 1.91 32.83 -2.99
N THR A 235 2.55 33.87 -2.46
CA THR A 235 3.32 34.78 -3.29
C THR A 235 4.84 34.60 -3.18
N SER A 236 5.28 33.62 -2.40
CA SER A 236 6.71 33.35 -2.22
C SER A 236 7.36 32.94 -3.54
N ASN B 2 10.46 -11.86 -20.85
CA ASN B 2 11.27 -12.80 -20.01
C ASN B 2 11.01 -12.57 -18.52
N PRO B 3 10.74 -13.65 -17.76
CA PRO B 3 10.49 -13.57 -16.31
C PRO B 3 11.56 -12.78 -15.56
N VAL B 4 11.13 -11.89 -14.67
CA VAL B 4 12.06 -11.07 -13.91
C VAL B 4 12.25 -11.52 -12.46
N HIS B 5 11.49 -12.51 -12.02
CA HIS B 5 11.61 -13.02 -10.66
C HIS B 5 12.20 -14.42 -10.65
N ILE B 6 11.65 -15.31 -11.49
CA ILE B 6 12.14 -16.67 -11.62
C ILE B 6 13.10 -16.65 -12.82
N LEU B 7 14.40 -16.71 -12.54
CA LEU B 7 15.42 -16.66 -13.59
C LEU B 7 15.95 -18.03 -14.01
N ALA B 8 15.05 -18.99 -14.22
CA ALA B 8 15.46 -20.32 -14.64
C ALA B 8 15.55 -20.32 -16.17
N LYS B 9 16.41 -21.17 -16.71
CA LYS B 9 16.54 -21.25 -18.17
C LYS B 9 15.32 -21.99 -18.68
N LYS B 10 14.93 -21.71 -19.93
CA LYS B 10 13.76 -22.38 -20.50
C LYS B 10 14.11 -23.86 -20.60
N GLY B 11 13.12 -24.71 -20.32
CA GLY B 11 13.36 -26.13 -20.37
C GLY B 11 13.81 -26.61 -19.00
N GLU B 12 14.14 -25.67 -18.12
CA GLU B 12 14.58 -26.00 -16.77
C GLU B 12 13.40 -26.19 -15.83
N VAL B 13 12.21 -25.80 -16.28
CA VAL B 13 10.99 -25.96 -15.48
C VAL B 13 10.09 -27.00 -16.14
N ALA B 14 9.63 -27.96 -15.35
CA ALA B 14 8.76 -29.02 -15.84
C ALA B 14 7.32 -28.55 -16.06
N GLU B 15 6.56 -29.32 -16.84
CA GLU B 15 5.17 -28.97 -17.08
C GLU B 15 4.36 -29.20 -15.80
N ARG B 16 4.80 -30.15 -14.98
CA ARG B 16 4.12 -30.47 -13.73
C ARG B 16 4.92 -29.90 -12.57
N VAL B 17 4.26 -29.06 -11.77
CA VAL B 17 4.95 -28.42 -10.66
C VAL B 17 4.25 -28.49 -9.31
N LEU B 18 5.02 -28.81 -8.28
CA LEU B 18 4.51 -28.85 -6.91
C LEU B 18 4.97 -27.51 -6.32
N VAL B 19 4.02 -26.68 -5.88
CA VAL B 19 4.37 -25.39 -5.32
C VAL B 19 4.15 -25.29 -3.82
N VAL B 20 5.15 -24.76 -3.12
CA VAL B 20 5.08 -24.59 -1.68
C VAL B 20 5.47 -23.16 -1.34
N GLY B 21 4.95 -22.67 -0.22
CA GLY B 21 5.24 -21.31 0.20
C GLY B 21 6.63 -21.07 0.77
N ASP B 22 7.10 -22.03 1.55
CA ASP B 22 8.40 -21.92 2.21
C ASP B 22 9.56 -22.55 1.43
N PRO B 23 10.63 -21.77 1.19
CA PRO B 23 11.83 -22.21 0.46
C PRO B 23 12.47 -23.46 1.09
N GLY B 24 12.51 -23.46 2.43
CA GLY B 24 13.08 -24.58 3.15
C GLY B 24 12.34 -25.87 2.88
N ARG B 25 11.01 -25.79 2.76
CA ARG B 25 10.23 -26.99 2.48
C ARG B 25 10.49 -27.43 1.04
N ALA B 26 10.76 -26.46 0.16
CA ALA B 26 11.05 -26.80 -1.23
C ALA B 26 12.35 -27.62 -1.25
N ARG B 27 13.33 -27.18 -0.46
CA ARG B 27 14.61 -27.87 -0.38
C ARG B 27 14.44 -29.25 0.23
N LEU B 28 13.65 -29.33 1.29
CA LEU B 28 13.40 -30.61 1.98
C LEU B 28 12.68 -31.60 1.07
N LEU B 29 11.71 -31.11 0.32
CA LEU B 29 10.96 -31.97 -0.58
C LEU B 29 11.75 -32.44 -1.80
N SER B 30 12.76 -31.68 -2.19
CA SER B 30 13.54 -32.06 -3.36
C SER B 30 14.28 -33.37 -3.18
N THR B 31 14.46 -33.78 -1.93
CA THR B 31 15.16 -35.03 -1.63
C THR B 31 14.32 -36.24 -1.99
N LEU B 32 13.08 -35.99 -2.41
CA LEU B 32 12.15 -37.05 -2.82
C LEU B 32 12.26 -37.28 -4.31
N LEU B 33 12.92 -36.36 -4.99
CA LEU B 33 13.09 -36.47 -6.44
C LEU B 33 14.38 -37.22 -6.77
N GLN B 34 14.48 -37.69 -8.01
CA GLN B 34 15.66 -38.39 -8.47
C GLN B 34 16.53 -37.36 -9.19
N ASN B 35 17.79 -37.27 -8.78
CA ASN B 35 18.75 -36.35 -9.37
C ASN B 35 18.34 -34.87 -9.40
N PRO B 36 17.83 -34.35 -8.27
CA PRO B 36 17.38 -32.95 -8.14
C PRO B 36 18.46 -31.92 -8.49
N LYS B 37 18.05 -30.84 -9.18
CA LYS B 37 18.96 -29.76 -9.55
C LYS B 37 18.25 -28.44 -9.25
N LEU B 38 18.99 -27.50 -8.65
CA LEU B 38 18.41 -26.18 -8.35
C LEU B 38 18.43 -25.40 -9.67
N THR B 39 17.25 -25.05 -10.17
CA THR B 39 17.15 -24.31 -11.43
C THR B 39 16.93 -22.79 -11.26
N ASN B 40 16.73 -22.33 -10.03
CA ASN B 40 16.56 -20.90 -9.75
C ASN B 40 16.60 -20.60 -8.27
N GLU B 41 17.26 -19.51 -7.91
CA GLU B 41 17.34 -19.09 -6.51
C GLU B 41 17.13 -17.57 -6.39
N ASN B 42 16.81 -16.92 -7.51
CA ASN B 42 16.58 -15.48 -7.51
C ASN B 42 15.42 -15.02 -6.62
N ARG B 43 15.65 -13.95 -5.87
CA ARG B 43 14.67 -13.37 -4.94
C ARG B 43 14.24 -14.37 -3.88
N GLY B 44 15.05 -15.41 -3.70
CA GLY B 44 14.75 -16.42 -2.71
C GLY B 44 13.73 -17.46 -3.16
N PHE B 45 13.26 -17.37 -4.40
CA PHE B 45 12.28 -18.33 -4.92
C PHE B 45 12.97 -19.58 -5.48
N LEU B 46 13.35 -20.49 -4.60
CA LEU B 46 14.03 -21.70 -5.01
C LEU B 46 13.18 -22.64 -5.84
N VAL B 47 13.73 -23.08 -6.96
CA VAL B 47 13.04 -24.02 -7.83
C VAL B 47 13.96 -25.22 -8.08
N TYR B 48 13.44 -26.41 -7.84
CA TYR B 48 14.20 -27.64 -8.07
C TYR B 48 13.50 -28.47 -9.12
N THR B 49 14.28 -29.12 -9.97
CA THR B 49 13.73 -29.95 -11.01
C THR B 49 14.44 -31.31 -10.97
N GLY B 50 13.66 -32.37 -11.11
CA GLY B 50 14.21 -33.71 -11.09
C GLY B 50 13.23 -34.69 -11.69
N LYS B 51 13.30 -35.95 -11.28
CA LYS B 51 12.38 -36.94 -11.77
C LYS B 51 11.75 -37.70 -10.63
N TYR B 52 10.54 -38.20 -10.88
CA TYR B 52 9.78 -38.98 -9.91
C TYR B 52 9.07 -39.94 -10.84
N ASN B 53 9.14 -41.24 -10.53
CA ASN B 53 8.56 -42.23 -11.42
C ASN B 53 9.30 -42.00 -12.74
N GLY B 54 8.57 -41.96 -13.84
CA GLY B 54 9.22 -41.75 -15.13
C GLY B 54 8.90 -40.37 -15.69
N GLU B 55 8.47 -39.48 -14.80
CA GLU B 55 8.09 -38.14 -15.21
C GLU B 55 9.01 -37.06 -14.65
N THR B 56 9.18 -36.00 -15.43
CA THR B 56 9.98 -34.87 -14.99
C THR B 56 9.02 -34.00 -14.19
N VAL B 57 9.51 -33.43 -13.08
CA VAL B 57 8.65 -32.59 -12.25
C VAL B 57 9.48 -31.57 -11.46
N SER B 58 8.89 -30.43 -11.16
CA SER B 58 9.59 -29.38 -10.42
C SER B 58 8.90 -29.04 -9.09
N ILE B 59 9.68 -28.48 -8.18
CA ILE B 59 9.18 -28.05 -6.89
C ILE B 59 9.60 -26.59 -6.78
N ALA B 60 8.61 -25.70 -6.72
CA ALA B 60 8.86 -24.26 -6.66
C ALA B 60 8.34 -23.54 -5.40
N THR B 61 9.01 -22.46 -5.05
CA THR B 61 8.67 -21.63 -3.90
C THR B 61 7.77 -20.48 -4.38
N HIS B 62 6.63 -20.27 -3.73
CA HIS B 62 5.74 -19.20 -4.16
C HIS B 62 5.63 -18.02 -3.21
N GLY B 63 6.32 -18.09 -2.07
CA GLY B 63 6.26 -17.01 -1.11
C GLY B 63 4.88 -16.92 -0.45
N ILE B 64 4.62 -15.79 0.21
CA ILE B 64 3.36 -15.57 0.92
C ILE B 64 2.40 -14.60 0.26
N GLY B 65 1.15 -15.03 0.07
CA GLY B 65 0.14 -14.15 -0.49
C GLY B 65 -0.23 -14.22 -1.96
N GLY B 66 -1.47 -13.83 -2.25
CA GLY B 66 -1.97 -13.83 -3.61
C GLY B 66 -1.07 -13.15 -4.64
N PRO B 67 -0.58 -11.92 -4.36
CA PRO B 67 0.29 -11.22 -5.31
C PRO B 67 1.59 -11.99 -5.61
N SER B 68 2.16 -12.62 -4.59
CA SER B 68 3.40 -13.37 -4.76
C SER B 68 3.20 -14.64 -5.60
N ILE B 69 2.21 -15.46 -5.22
CA ILE B 69 1.98 -16.68 -5.97
C ILE B 69 1.53 -16.40 -7.40
N ALA B 70 0.80 -15.30 -7.61
CA ALA B 70 0.37 -14.95 -8.97
C ALA B 70 1.61 -14.72 -9.85
N ILE B 71 2.58 -13.96 -9.35
CA ILE B 71 3.81 -13.70 -10.09
C ILE B 71 4.58 -14.99 -10.41
N VAL B 72 4.77 -15.83 -9.39
CA VAL B 72 5.51 -17.08 -9.58
C VAL B 72 4.84 -18.02 -10.58
N LEU B 73 3.52 -18.18 -10.45
CA LEU B 73 2.76 -19.03 -11.36
C LEU B 73 2.86 -18.53 -12.79
N GLU B 74 2.69 -17.23 -12.98
CA GLU B 74 2.78 -16.63 -14.31
C GLU B 74 4.14 -16.89 -14.95
N GLU B 75 5.22 -16.68 -14.20
CA GLU B 75 6.55 -16.88 -14.74
C GLU B 75 6.88 -18.35 -14.94
N LEU B 76 6.35 -19.22 -14.08
CA LEU B 76 6.57 -20.65 -14.25
C LEU B 76 5.82 -21.11 -15.52
N ALA B 77 4.65 -20.53 -15.75
CA ALA B 77 3.86 -20.88 -16.93
C ALA B 77 4.63 -20.41 -18.17
N MET B 78 5.20 -19.22 -18.08
CA MET B 78 5.98 -18.66 -19.17
C MET B 78 7.16 -19.59 -19.47
N LEU B 79 7.56 -20.36 -18.47
CA LEU B 79 8.68 -21.28 -18.63
C LEU B 79 8.23 -22.70 -18.99
N GLY B 80 6.94 -22.88 -19.25
CA GLY B 80 6.45 -24.20 -19.64
C GLY B 80 5.57 -24.97 -18.67
N ALA B 81 5.33 -24.43 -17.48
CA ALA B 81 4.48 -25.12 -16.52
C ALA B 81 3.00 -24.92 -16.85
N ASN B 82 2.19 -25.95 -16.63
CA ASN B 82 0.76 -25.90 -16.88
C ASN B 82 -0.06 -26.70 -15.86
N VAL B 83 0.62 -27.45 -15.01
CA VAL B 83 -0.06 -28.23 -13.98
C VAL B 83 0.56 -27.88 -12.63
N PHE B 84 -0.26 -27.39 -11.70
CA PHE B 84 0.26 -27.02 -10.38
C PHE B 84 -0.54 -27.62 -9.25
N ILE B 85 0.18 -28.11 -8.24
CA ILE B 85 -0.48 -28.61 -7.04
C ILE B 85 0.19 -27.92 -5.87
N ARG B 86 -0.58 -27.13 -5.15
CA ARG B 86 -0.06 -26.42 -3.99
C ARG B 86 -0.13 -27.32 -2.77
N TYR B 87 0.97 -27.35 -2.04
CA TYR B 87 1.07 -28.16 -0.83
C TYR B 87 1.52 -27.21 0.26
N GLY B 88 0.57 -26.78 1.09
CA GLY B 88 0.91 -25.85 2.15
C GLY B 88 0.33 -26.16 3.52
N THR B 89 0.38 -25.17 4.40
CA THR B 89 -0.14 -25.32 5.76
C THR B 89 -1.42 -24.52 5.87
N THR B 90 -2.24 -24.86 6.86
CA THR B 90 -3.50 -24.15 7.04
C THR B 90 -3.99 -24.19 8.48
N GLY B 91 -4.89 -23.26 8.80
CA GLY B 91 -5.46 -23.20 10.13
C GLY B 91 -6.89 -23.71 10.04
N ALA B 92 -7.17 -24.80 10.73
CA ALA B 92 -8.50 -25.38 10.70
C ALA B 92 -9.53 -24.44 11.33
N LEU B 93 -10.75 -24.47 10.80
CA LEU B 93 -11.84 -23.64 11.30
C LEU B 93 -12.92 -24.46 11.99
N VAL B 94 -12.77 -25.79 11.95
CA VAL B 94 -13.72 -26.68 12.61
C VAL B 94 -12.94 -27.47 13.66
N PRO B 95 -13.55 -27.69 14.84
CA PRO B 95 -12.93 -28.42 15.95
C PRO B 95 -12.60 -29.90 15.73
N TYR B 96 -13.30 -30.56 14.82
CA TYR B 96 -13.06 -31.99 14.60
C TYR B 96 -11.84 -32.36 13.76
N ILE B 97 -11.12 -31.35 13.26
CA ILE B 97 -9.92 -31.61 12.48
C ILE B 97 -8.71 -31.39 13.38
N ASN B 98 -7.85 -32.40 13.48
CA ASN B 98 -6.67 -32.30 14.33
C ASN B 98 -5.42 -31.89 13.58
N LEU B 99 -4.46 -31.32 14.32
CA LEU B 99 -3.21 -30.88 13.73
C LEU B 99 -2.55 -32.06 13.04
N GLY B 100 -1.80 -31.78 11.98
CA GLY B 100 -1.12 -32.85 11.26
C GLY B 100 -1.97 -33.55 10.21
N GLU B 101 -3.29 -33.49 10.35
CA GLU B 101 -4.16 -34.14 9.37
C GLU B 101 -4.14 -33.32 8.08
N TYR B 102 -4.72 -33.85 7.01
CA TYR B 102 -4.71 -33.14 5.74
C TYR B 102 -6.08 -32.66 5.26
N ILE B 103 -6.04 -31.65 4.39
CA ILE B 103 -7.25 -31.09 3.80
C ILE B 103 -7.07 -30.89 2.32
N ILE B 104 -7.90 -31.58 1.55
CA ILE B 104 -7.88 -31.47 0.10
C ILE B 104 -8.95 -30.45 -0.23
N VAL B 105 -8.51 -29.30 -0.73
CA VAL B 105 -9.40 -28.18 -1.04
C VAL B 105 -10.27 -28.34 -2.29
N THR B 106 -11.56 -28.04 -2.13
CA THR B 106 -12.53 -28.14 -3.22
C THR B 106 -12.98 -26.77 -3.70
N GLY B 107 -12.58 -25.73 -2.98
CA GLY B 107 -12.96 -24.38 -3.36
C GLY B 107 -12.34 -23.36 -2.43
N ALA B 108 -12.31 -22.11 -2.89
CA ALA B 108 -11.76 -21.05 -2.07
C ALA B 108 -12.65 -19.81 -2.03
N SER B 109 -12.92 -19.35 -0.82
CA SER B 109 -13.71 -18.14 -0.60
C SER B 109 -12.67 -17.03 -0.51
N TYR B 110 -13.07 -15.80 -0.83
CA TYR B 110 -12.15 -14.68 -0.76
C TYR B 110 -12.90 -13.36 -0.73
N ASN B 111 -12.21 -12.30 -0.28
CA ASN B 111 -12.79 -10.97 -0.25
C ASN B 111 -12.39 -10.37 -1.59
N GLN B 112 -13.35 -9.77 -2.29
CA GLN B 112 -13.04 -9.22 -3.60
C GLN B 112 -12.14 -7.99 -3.54
N GLY B 113 -11.70 -7.57 -4.72
CA GLY B 113 -10.85 -6.41 -4.82
C GLY B 113 -9.46 -6.71 -5.33
N GLY B 114 -8.56 -5.73 -5.14
CA GLY B 114 -7.17 -5.82 -5.53
C GLY B 114 -6.82 -6.66 -6.75
N LEU B 115 -6.14 -7.77 -6.47
CA LEU B 115 -5.67 -8.69 -7.49
C LEU B 115 -6.80 -9.20 -8.39
N PHE B 116 -7.90 -9.65 -7.79
CA PHE B 116 -9.02 -10.15 -8.57
C PHE B 116 -9.60 -9.07 -9.49
N TYR B 117 -9.66 -7.83 -8.99
CA TYR B 117 -10.20 -6.74 -9.79
C TYR B 117 -9.30 -6.45 -10.99
N GLN B 118 -7.99 -6.39 -10.76
CA GLN B 118 -7.06 -6.12 -11.84
C GLN B 118 -7.10 -7.19 -12.94
N TYR B 119 -7.26 -8.45 -12.54
CA TYR B 119 -7.32 -9.55 -13.50
C TYR B 119 -8.70 -9.76 -14.13
N LEU B 120 -9.75 -9.70 -13.32
CA LEU B 120 -11.12 -9.94 -13.80
C LEU B 120 -11.77 -8.68 -14.38
N ARG B 121 -11.24 -7.52 -14.03
CA ARG B 121 -11.76 -6.25 -14.55
C ARG B 121 -13.09 -5.76 -13.98
N ASP B 122 -13.64 -6.48 -13.01
CA ASP B 122 -14.87 -6.05 -12.32
C ASP B 122 -15.00 -6.85 -11.03
N ASN B 123 -16.07 -6.63 -10.26
CA ASN B 123 -16.25 -7.31 -8.97
C ASN B 123 -16.92 -8.68 -8.95
N ALA B 124 -17.23 -9.23 -10.11
CA ALA B 124 -17.90 -10.53 -10.20
C ALA B 124 -17.25 -11.63 -9.34
N CYS B 125 -18.10 -12.41 -8.67
CA CYS B 125 -17.61 -13.52 -7.85
C CYS B 125 -17.39 -14.75 -8.73
N VAL B 126 -16.22 -14.82 -9.34
CA VAL B 126 -15.93 -15.96 -10.18
C VAL B 126 -15.64 -17.19 -9.34
N ALA B 127 -16.22 -18.32 -9.73
CA ALA B 127 -16.02 -19.56 -9.00
C ALA B 127 -14.52 -19.88 -8.96
N SER B 128 -13.97 -19.94 -7.75
CA SER B 128 -12.56 -20.21 -7.54
C SER B 128 -12.44 -21.68 -7.13
N THR B 129 -12.37 -22.54 -8.14
CA THR B 129 -12.31 -23.97 -7.91
C THR B 129 -11.12 -24.61 -8.61
N PRO B 130 -10.60 -25.71 -8.04
CA PRO B 130 -9.46 -26.44 -8.60
C PRO B 130 -9.93 -27.32 -9.76
N ASP B 131 -8.98 -27.99 -10.42
CA ASP B 131 -9.34 -28.89 -11.51
C ASP B 131 -10.05 -30.09 -10.90
N PHE B 132 -11.21 -30.42 -11.44
CA PHE B 132 -12.00 -31.54 -10.92
C PHE B 132 -11.27 -32.89 -10.97
N GLU B 133 -10.74 -33.25 -12.14
CA GLU B 133 -10.03 -34.52 -12.30
C GLU B 133 -8.84 -34.62 -11.35
N LEU B 134 -7.94 -33.65 -11.44
CA LEU B 134 -6.75 -33.63 -10.60
C LEU B 134 -7.08 -33.78 -9.12
N THR B 135 -8.08 -33.04 -8.65
CA THR B 135 -8.47 -33.12 -7.24
C THR B 135 -8.95 -34.52 -6.86
N ASN B 136 -9.63 -35.21 -7.78
CA ASN B 136 -10.08 -36.55 -7.47
C ASN B 136 -8.88 -37.49 -7.40
N LYS B 137 -7.94 -37.33 -8.32
CA LYS B 137 -6.73 -38.16 -8.33
C LYS B 137 -6.02 -38.02 -6.99
N LEU B 138 -5.97 -36.78 -6.50
CA LEU B 138 -5.33 -36.49 -5.23
C LEU B 138 -6.04 -37.25 -4.12
N VAL B 139 -7.37 -37.20 -4.12
CA VAL B 139 -8.14 -37.90 -3.10
C VAL B 139 -7.78 -39.39 -3.11
N THR B 140 -7.73 -39.97 -4.30
CA THR B 140 -7.40 -41.38 -4.44
C THR B 140 -6.01 -41.66 -3.88
N SER B 141 -5.03 -40.85 -4.27
CA SER B 141 -3.66 -41.02 -3.81
C SER B 141 -3.55 -40.98 -2.29
N PHE B 142 -4.25 -40.02 -1.67
CA PHE B 142 -4.19 -39.92 -0.22
C PHE B 142 -4.93 -41.07 0.44
N SER B 143 -5.92 -41.60 -0.25
CA SER B 143 -6.70 -42.71 0.26
C SER B 143 -5.89 -44.01 0.24
N LYS B 144 -5.17 -44.24 -0.84
CA LYS B 144 -4.35 -45.45 -0.96
C LYS B 144 -3.26 -45.51 0.11
N ARG B 145 -2.62 -44.38 0.40
CA ARG B 145 -1.59 -44.32 1.42
C ARG B 145 -2.20 -44.22 2.82
N ASN B 146 -3.51 -44.43 2.91
CA ASN B 146 -4.21 -44.39 4.19
C ASN B 146 -3.92 -43.15 5.03
N LEU B 147 -4.00 -41.98 4.42
CA LEU B 147 -3.75 -40.73 5.15
C LEU B 147 -5.08 -40.09 5.59
N LYS B 148 -5.07 -39.48 6.78
CA LYS B 148 -6.27 -38.84 7.33
C LYS B 148 -6.49 -37.46 6.72
N TYR B 149 -7.49 -37.34 5.84
CA TYR B 149 -7.76 -36.07 5.18
C TYR B 149 -9.24 -35.70 5.20
N TYR B 150 -9.52 -34.44 4.86
CA TYR B 150 -10.88 -33.93 4.79
C TYR B 150 -11.04 -33.14 3.51
N VAL B 151 -12.21 -33.27 2.88
CA VAL B 151 -12.47 -32.56 1.64
C VAL B 151 -13.37 -31.36 1.90
N GLY B 152 -12.91 -30.16 1.54
CA GLY B 152 -13.72 -28.98 1.77
C GLY B 152 -13.16 -27.67 1.24
N ASN B 153 -13.96 -26.61 1.38
CA ASN B 153 -13.60 -25.26 0.94
C ASN B 153 -12.79 -24.55 2.01
N VAL B 154 -11.92 -23.64 1.57
CA VAL B 154 -11.13 -22.86 2.51
C VAL B 154 -11.29 -21.38 2.20
N PHE B 155 -10.96 -20.54 3.18
CA PHE B 155 -11.04 -19.11 2.97
C PHE B 155 -9.60 -18.63 2.75
N SER B 156 -9.37 -17.91 1.66
CA SER B 156 -8.03 -17.38 1.36
C SER B 156 -7.93 -15.94 1.88
N SER B 157 -7.33 -15.79 3.05
CA SER B 157 -7.15 -14.49 3.70
C SER B 157 -5.99 -13.70 3.09
N ASP B 158 -6.07 -12.38 3.19
CA ASP B 158 -5.01 -11.52 2.68
C ASP B 158 -4.31 -10.86 3.87
N ALA B 159 -4.94 -10.92 5.03
CA ALA B 159 -4.39 -10.28 6.21
C ALA B 159 -4.24 -11.27 7.36
N PHE B 160 -3.09 -11.94 7.38
CA PHE B 160 -2.79 -12.94 8.40
C PHE B 160 -3.07 -12.44 9.81
N TYR B 161 -2.64 -11.21 10.11
CA TYR B 161 -2.84 -10.65 11.44
C TYR B 161 -4.13 -9.86 11.65
N ALA B 162 -5.16 -10.26 10.92
CA ALA B 162 -6.49 -9.66 11.04
C ALA B 162 -7.47 -10.83 10.92
N GLU B 163 -7.42 -11.74 11.88
CA GLU B 163 -8.30 -12.92 11.92
C GLU B 163 -8.75 -13.21 13.37
N ASP B 164 -9.63 -12.36 13.90
CA ASP B 164 -10.13 -12.50 15.27
C ASP B 164 -11.11 -13.67 15.46
N GLU B 165 -11.64 -13.81 16.68
CA GLU B 165 -12.59 -14.86 17.00
C GLU B 165 -13.80 -14.84 16.07
N GLU B 166 -14.40 -13.66 15.90
CA GLU B 166 -15.58 -13.51 15.03
C GLU B 166 -15.28 -14.13 13.67
N PHE B 167 -14.06 -13.90 13.22
CA PHE B 167 -13.53 -14.41 11.96
C PHE B 167 -13.86 -15.89 11.79
N VAL B 168 -13.59 -16.67 12.83
CA VAL B 168 -13.83 -18.12 12.81
C VAL B 168 -15.29 -18.51 12.59
N LYS B 169 -16.19 -17.98 13.41
CA LYS B 169 -17.60 -18.30 13.27
C LYS B 169 -18.13 -17.85 11.91
N LYS B 170 -17.65 -16.71 11.43
CA LYS B 170 -18.10 -16.17 10.15
C LYS B 170 -17.79 -17.11 8.97
N TRP B 171 -16.52 -17.50 8.85
CA TRP B 171 -16.12 -18.38 7.75
C TRP B 171 -16.51 -19.84 7.92
N SER B 172 -16.54 -20.33 9.16
CA SER B 172 -16.95 -21.72 9.38
C SER B 172 -18.43 -21.85 9.08
N SER B 173 -19.19 -20.78 9.32
CA SER B 173 -20.62 -20.81 9.06
C SER B 173 -20.90 -20.66 7.57
N ARG B 174 -19.88 -20.28 6.81
CA ARG B 174 -20.02 -20.11 5.36
C ARG B 174 -19.53 -21.34 4.60
N GLY B 175 -19.40 -22.45 5.32
CA GLY B 175 -18.97 -23.69 4.68
C GLY B 175 -17.47 -23.88 4.53
N ASN B 176 -16.68 -23.03 5.16
CA ASN B 176 -15.23 -23.15 5.07
C ASN B 176 -14.69 -23.89 6.27
N ILE B 177 -13.80 -24.85 6.03
CA ILE B 177 -13.23 -25.63 7.13
C ILE B 177 -11.80 -25.25 7.49
N ALA B 178 -11.23 -24.30 6.77
CA ALA B 178 -9.87 -23.86 7.04
C ALA B 178 -9.53 -22.55 6.35
N VAL B 179 -8.51 -21.87 6.87
CA VAL B 179 -8.06 -20.61 6.31
C VAL B 179 -6.60 -20.73 5.85
N GLU B 180 -6.33 -20.13 4.71
CA GLU B 180 -5.00 -20.17 4.12
C GLU B 180 -4.83 -18.83 3.39
N MET B 181 -3.82 -18.68 2.54
CA MET B 181 -3.65 -17.38 1.88
C MET B 181 -3.52 -17.30 0.36
N GLU B 182 -3.32 -18.41 -0.34
CA GLU B 182 -3.18 -18.27 -1.78
C GLU B 182 -3.99 -19.17 -2.70
N CYS B 183 -4.87 -20.00 -2.15
CA CYS B 183 -5.66 -20.89 -2.99
C CYS B 183 -6.61 -20.16 -3.94
N ALA B 184 -7.28 -19.12 -3.44
CA ALA B 184 -8.19 -18.36 -4.29
C ALA B 184 -7.45 -17.87 -5.53
N THR B 185 -6.28 -17.25 -5.33
CA THR B 185 -5.48 -16.75 -6.45
C THR B 185 -5.08 -17.89 -7.41
N LEU B 186 -4.58 -18.98 -6.86
CA LEU B 186 -4.18 -20.13 -7.66
C LEU B 186 -5.33 -20.63 -8.55
N PHE B 187 -6.47 -20.95 -7.95
CA PHE B 187 -7.62 -21.46 -8.68
C PHE B 187 -8.17 -20.52 -9.75
N THR B 188 -8.41 -19.27 -9.35
CA THR B 188 -8.96 -18.31 -10.30
C THR B 188 -8.01 -18.00 -11.45
N LEU B 189 -6.74 -17.82 -11.15
CA LEU B 189 -5.77 -17.53 -12.20
C LEU B 189 -5.64 -18.76 -13.11
N SER B 190 -5.69 -19.96 -12.53
CA SER B 190 -5.59 -21.17 -13.33
C SER B 190 -6.79 -21.32 -14.28
N LYS B 191 -7.99 -21.00 -13.79
CA LYS B 191 -9.20 -21.09 -14.60
C LYS B 191 -9.12 -20.12 -15.78
N VAL B 192 -8.56 -18.95 -15.53
CA VAL B 192 -8.43 -17.93 -16.57
C VAL B 192 -7.31 -18.22 -17.57
N LYS B 193 -6.23 -18.82 -17.08
CA LYS B 193 -5.08 -19.12 -17.94
C LYS B 193 -5.13 -20.50 -18.58
N GLY B 194 -6.02 -21.37 -18.08
CA GLY B 194 -6.11 -22.71 -18.63
C GLY B 194 -5.15 -23.69 -17.97
N TRP B 195 -4.70 -23.39 -16.75
CA TRP B 195 -3.79 -24.29 -16.05
C TRP B 195 -4.60 -25.28 -15.22
N LYS B 196 -4.03 -26.47 -14.96
CA LYS B 196 -4.71 -27.46 -14.14
C LYS B 196 -4.11 -27.44 -12.74
N SER B 197 -4.91 -27.03 -11.76
CA SER B 197 -4.42 -26.93 -10.39
C SER B 197 -5.26 -27.60 -9.31
N ALA B 198 -4.61 -27.86 -8.19
CA ALA B 198 -5.26 -28.48 -7.04
C ALA B 198 -4.44 -28.10 -5.83
N THR B 199 -4.94 -28.41 -4.64
CA THR B 199 -4.22 -28.07 -3.42
C THR B 199 -4.48 -29.05 -2.27
N VAL B 200 -3.43 -29.34 -1.51
CA VAL B 200 -3.53 -30.19 -0.33
C VAL B 200 -2.86 -29.38 0.77
N LEU B 201 -3.49 -29.33 1.94
CA LEU B 201 -2.91 -28.57 3.04
C LEU B 201 -2.66 -29.45 4.28
N VAL B 202 -1.68 -29.05 5.07
CA VAL B 202 -1.37 -29.76 6.32
C VAL B 202 -1.85 -28.81 7.42
N VAL B 203 -2.74 -29.31 8.28
CA VAL B 203 -3.24 -28.47 9.36
C VAL B 203 -2.11 -28.14 10.34
N SER B 204 -1.73 -26.87 10.39
CA SER B 204 -0.66 -26.43 11.28
C SER B 204 -1.20 -25.87 12.60
N ASP B 205 -2.46 -25.44 12.59
CA ASP B 205 -3.08 -24.88 13.79
C ASP B 205 -4.61 -24.94 13.70
N ASN B 206 -5.28 -24.91 14.85
CA ASN B 206 -6.73 -24.96 14.89
C ASN B 206 -7.26 -23.70 15.58
N LEU B 207 -7.97 -22.87 14.82
CA LEU B 207 -8.53 -21.63 15.33
C LEU B 207 -9.79 -21.82 16.16
N ALA B 208 -10.36 -23.02 16.10
CA ALA B 208 -11.58 -23.33 16.86
C ALA B 208 -11.22 -23.96 18.20
N LYS B 209 -9.92 -23.96 18.52
CA LYS B 209 -9.42 -24.52 19.78
C LYS B 209 -8.31 -23.65 20.34
N ILE B 214 1.66 -26.04 16.06
CA ILE B 214 2.38 -27.31 15.73
C ILE B 214 3.88 -27.12 15.79
N THR B 215 4.61 -28.20 16.10
CA THR B 215 6.06 -28.13 16.18
C THR B 215 6.63 -28.20 14.76
N LYS B 216 7.84 -27.69 14.57
CA LYS B 216 8.46 -27.70 13.26
C LYS B 216 8.81 -29.14 12.87
N GLU B 217 9.00 -29.99 13.87
CA GLU B 217 9.32 -31.40 13.62
C GLU B 217 8.13 -32.18 13.11
N GLU B 218 7.02 -32.11 13.84
CA GLU B 218 5.81 -32.82 13.44
C GLU B 218 5.28 -32.34 12.11
N LEU B 219 5.47 -31.06 11.81
CA LEU B 219 5.03 -30.50 10.55
C LEU B 219 5.74 -31.26 9.44
N GLU B 220 7.08 -31.28 9.50
CA GLU B 220 7.87 -31.98 8.49
C GLU B 220 7.49 -33.46 8.41
N LYS B 221 7.17 -34.08 9.54
CA LYS B 221 6.77 -35.47 9.52
C LYS B 221 5.50 -35.67 8.68
N SER B 222 4.51 -34.79 8.89
CA SER B 222 3.26 -34.87 8.14
C SER B 222 3.53 -34.49 6.69
N VAL B 223 4.32 -33.43 6.52
CA VAL B 223 4.66 -32.95 5.19
C VAL B 223 5.22 -34.09 4.36
N MET B 224 6.30 -34.71 4.86
CA MET B 224 6.92 -35.80 4.13
C MET B 224 5.94 -36.92 3.83
N ASP B 225 5.23 -37.37 4.84
CA ASP B 225 4.26 -38.46 4.67
C ASP B 225 3.23 -38.17 3.59
N GLY B 226 2.87 -36.90 3.43
CA GLY B 226 1.88 -36.54 2.43
C GLY B 226 2.43 -36.16 1.07
N ALA B 227 3.63 -35.60 1.04
CA ALA B 227 4.24 -35.20 -0.22
C ALA B 227 4.37 -36.40 -1.16
N LYS B 228 4.47 -37.59 -0.58
CA LYS B 228 4.58 -38.80 -1.36
C LYS B 228 3.29 -39.02 -2.15
N ALA B 229 2.15 -38.70 -1.54
CA ALA B 229 0.86 -38.85 -2.21
C ALA B 229 0.73 -37.79 -3.30
N VAL B 230 1.24 -36.60 -3.03
CA VAL B 230 1.17 -35.51 -3.98
C VAL B 230 2.01 -35.77 -5.23
N LEU B 231 3.23 -36.27 -5.04
CA LEU B 231 4.09 -36.56 -6.17
C LEU B 231 3.52 -37.69 -7.04
N ASP B 232 2.95 -38.71 -6.41
CA ASP B 232 2.36 -39.80 -7.17
C ASP B 232 1.27 -39.21 -8.04
N THR B 233 0.43 -38.36 -7.43
CA THR B 233 -0.66 -37.72 -8.15
C THR B 233 -0.11 -36.91 -9.32
N LEU B 234 0.80 -35.99 -9.04
CA LEU B 234 1.40 -35.15 -10.07
C LEU B 234 1.93 -35.93 -11.27
N THR B 235 2.52 -37.09 -11.01
CA THR B 235 3.10 -37.90 -12.08
C THR B 235 2.21 -39.02 -12.56
N SER B 236 0.98 -39.06 -12.07
CA SER B 236 0.02 -40.08 -12.46
C SER B 236 -0.48 -39.78 -13.87
N ASN C 2 3.36 -15.24 19.24
CA ASN C 2 4.68 -14.70 18.77
C ASN C 2 4.92 -14.95 17.29
N PRO C 3 5.86 -14.20 16.69
CA PRO C 3 6.21 -14.33 15.27
C PRO C 3 6.40 -15.78 14.82
N VAL C 4 5.67 -16.18 13.78
CA VAL C 4 5.76 -17.54 13.26
C VAL C 4 6.51 -17.60 11.93
N HIS C 5 6.98 -16.46 11.44
CA HIS C 5 7.71 -16.40 10.17
C HIS C 5 9.13 -15.89 10.44
N ILE C 6 9.22 -14.75 11.12
CA ILE C 6 10.51 -14.15 11.47
C ILE C 6 10.83 -14.69 12.87
N LEU C 7 11.63 -15.75 12.91
CA LEU C 7 11.99 -16.39 14.17
C LEU C 7 13.27 -15.83 14.80
N ALA C 8 13.22 -14.57 15.20
CA ALA C 8 14.37 -13.90 15.82
C ALA C 8 14.16 -13.80 17.33
N LYS C 9 15.25 -13.78 18.08
CA LYS C 9 15.17 -13.69 19.53
C LYS C 9 14.95 -12.26 20.01
N LYS C 10 14.70 -12.15 21.32
CA LYS C 10 14.46 -10.87 21.97
C LYS C 10 15.68 -9.95 21.89
N GLY C 11 15.50 -8.79 21.25
CA GLY C 11 16.58 -7.83 21.14
C GLY C 11 17.46 -7.97 19.89
N GLU C 12 17.08 -8.86 18.98
CA GLU C 12 17.87 -9.06 17.77
C GLU C 12 17.43 -8.17 16.60
N VAL C 13 16.26 -7.55 16.73
CA VAL C 13 15.76 -6.67 15.69
C VAL C 13 15.79 -5.24 16.21
N ALA C 14 16.47 -4.35 15.49
CA ALA C 14 16.57 -2.95 15.90
C ALA C 14 15.24 -2.22 15.77
N GLU C 15 15.19 -1.01 16.31
CA GLU C 15 13.99 -0.18 16.25
C GLU C 15 13.84 0.37 14.83
N ARG C 16 14.98 0.71 14.22
CA ARG C 16 14.97 1.25 12.87
C ARG C 16 15.34 0.16 11.87
N VAL C 17 14.49 -0.02 10.87
CA VAL C 17 14.69 -1.06 9.88
C VAL C 17 14.62 -0.61 8.42
N LEU C 18 15.57 -1.08 7.63
CA LEU C 18 15.59 -0.79 6.19
C LEU C 18 14.97 -2.07 5.60
N VAL C 19 13.81 -1.94 4.96
CA VAL C 19 13.15 -3.11 4.38
C VAL C 19 13.26 -3.19 2.86
N VAL C 20 13.57 -4.39 2.37
CA VAL C 20 13.72 -4.65 0.93
C VAL C 20 12.98 -5.94 0.60
N GLY C 21 12.51 -6.06 -0.64
CA GLY C 21 11.78 -7.26 -1.01
C GLY C 21 12.67 -8.45 -1.32
N ASP C 22 13.82 -8.17 -1.92
CA ASP C 22 14.77 -9.20 -2.34
C ASP C 22 15.79 -9.59 -1.27
N PRO C 23 15.81 -10.89 -0.89
CA PRO C 23 16.76 -11.40 0.11
C PRO C 23 18.19 -11.08 -0.30
N GLY C 24 18.44 -11.19 -1.60
CA GLY C 24 19.76 -10.92 -2.12
C GLY C 24 20.22 -9.49 -1.90
N ARG C 25 19.28 -8.54 -1.93
CA ARG C 25 19.65 -7.15 -1.70
C ARG C 25 19.92 -6.93 -0.22
N ALA C 26 19.17 -7.61 0.64
CA ALA C 26 19.37 -7.49 2.08
C ALA C 26 20.80 -7.93 2.41
N ARG C 27 21.20 -9.07 1.85
CA ARG C 27 22.55 -9.59 2.07
C ARG C 27 23.53 -8.53 1.57
N LEU C 28 23.40 -8.17 0.30
CA LEU C 28 24.26 -7.18 -0.32
C LEU C 28 24.39 -5.90 0.53
N LEU C 29 23.26 -5.41 1.03
CA LEU C 29 23.28 -4.18 1.83
C LEU C 29 23.93 -4.36 3.20
N SER C 30 23.82 -5.56 3.76
CA SER C 30 24.41 -5.83 5.07
C SER C 30 25.93 -5.61 5.07
N THR C 31 26.56 -5.63 3.90
CA THR C 31 28.00 -5.42 3.82
C THR C 31 28.36 -3.98 4.13
N LEU C 32 27.36 -3.12 4.16
CA LEU C 32 27.60 -1.71 4.46
C LEU C 32 27.54 -1.46 5.96
N LEU C 33 27.20 -2.50 6.73
CA LEU C 33 27.10 -2.36 8.18
C LEU C 33 28.35 -2.87 8.89
N GLN C 34 28.54 -2.42 10.12
CA GLN C 34 29.68 -2.84 10.94
C GLN C 34 29.24 -4.06 11.74
N ASN C 35 29.96 -5.17 11.56
CA ASN C 35 29.66 -6.43 12.24
C ASN C 35 28.23 -6.91 12.06
N PRO C 36 27.78 -7.07 10.81
CA PRO C 36 26.42 -7.53 10.58
C PRO C 36 26.20 -8.99 11.00
N LYS C 37 25.07 -9.25 11.65
CA LYS C 37 24.74 -10.60 12.10
C LYS C 37 23.40 -11.01 11.50
N LEU C 38 23.31 -12.25 11.03
CA LEU C 38 22.07 -12.76 10.44
C LEU C 38 21.17 -13.23 11.57
N THR C 39 20.16 -12.43 11.91
CA THR C 39 19.26 -12.78 12.99
C THR C 39 18.04 -13.62 12.60
N ASN C 40 17.85 -13.86 11.30
CA ASN C 40 16.74 -14.69 10.81
C ASN C 40 16.89 -15.08 9.35
N GLU C 41 16.45 -16.30 9.04
CA GLU C 41 16.49 -16.81 7.68
C GLU C 41 15.30 -17.73 7.43
N ASN C 42 14.38 -17.79 8.40
CA ASN C 42 13.20 -18.62 8.27
C ASN C 42 12.32 -18.17 7.10
N ARG C 43 11.81 -19.15 6.35
CA ARG C 43 10.96 -18.88 5.19
C ARG C 43 11.62 -18.03 4.14
N GLY C 44 12.94 -17.89 4.23
CA GLY C 44 13.67 -17.10 3.27
C GLY C 44 13.76 -15.61 3.57
N PHE C 45 13.04 -15.16 4.59
CA PHE C 45 13.07 -13.75 4.96
C PHE C 45 14.34 -13.42 5.74
N LEU C 46 15.36 -12.93 5.06
CA LEU C 46 16.61 -12.62 5.72
C LEU C 46 16.56 -11.31 6.47
N VAL C 47 17.11 -11.31 7.68
CA VAL C 47 17.17 -10.11 8.51
C VAL C 47 18.56 -10.00 9.12
N TYR C 48 19.21 -8.86 8.88
CA TYR C 48 20.53 -8.62 9.42
C TYR C 48 20.46 -7.46 10.41
N THR C 49 21.39 -7.44 11.35
CA THR C 49 21.44 -6.37 12.34
C THR C 49 22.90 -6.01 12.58
N GLY C 50 23.19 -4.71 12.52
CA GLY C 50 24.53 -4.25 12.73
C GLY C 50 24.55 -2.77 13.02
N LYS C 51 25.70 -2.14 12.82
CA LYS C 51 25.80 -0.71 13.07
C LYS C 51 26.18 0.09 11.84
N TYR C 52 25.70 1.33 11.82
CA TYR C 52 25.98 2.27 10.75
C TYR C 52 26.12 3.59 11.49
N ASN C 53 27.23 4.29 11.30
CA ASN C 53 27.46 5.54 12.02
C ASN C 53 27.37 5.20 13.51
N GLY C 54 27.89 4.02 13.87
CA GLY C 54 27.87 3.58 15.25
C GLY C 54 26.47 3.44 15.81
N GLU C 55 25.48 3.30 14.93
CA GLU C 55 24.10 3.17 15.37
C GLU C 55 23.52 1.81 14.96
N THR C 56 22.79 1.18 15.87
CA THR C 56 22.20 -0.13 15.60
C THR C 56 21.03 0.00 14.63
N VAL C 57 21.01 -0.86 13.62
CA VAL C 57 19.93 -0.88 12.65
C VAL C 57 19.77 -2.30 12.11
N SER C 58 18.69 -2.52 11.39
CA SER C 58 18.42 -3.82 10.80
C SER C 58 17.98 -3.64 9.36
N ILE C 59 18.29 -4.64 8.54
CA ILE C 59 17.91 -4.66 7.14
C ILE C 59 17.10 -5.95 7.04
N ALA C 60 15.85 -5.84 6.62
CA ALA C 60 14.99 -7.03 6.52
C ALA C 60 14.35 -7.25 5.15
N THR C 61 14.05 -8.52 4.87
CA THR C 61 13.42 -8.93 3.62
C THR C 61 11.90 -9.00 3.82
N HIS C 62 11.12 -8.41 2.91
CA HIS C 62 9.67 -8.47 3.06
C HIS C 62 8.91 -9.24 1.98
N GLY C 63 9.63 -9.80 1.01
CA GLY C 63 8.98 -10.55 -0.05
C GLY C 63 8.19 -9.69 -1.02
N ILE C 64 7.26 -10.30 -1.75
CA ILE C 64 6.47 -9.57 -2.73
C ILE C 64 4.98 -9.42 -2.42
N GLY C 65 4.47 -8.20 -2.56
CA GLY C 65 3.05 -7.95 -2.36
C GLY C 65 2.59 -7.54 -0.97
N GLY C 66 1.41 -6.93 -0.92
CA GLY C 66 0.84 -6.46 0.34
C GLY C 66 0.73 -7.49 1.45
N PRO C 67 0.12 -8.65 1.18
CA PRO C 67 -0.04 -9.69 2.21
C PRO C 67 1.30 -10.12 2.84
N SER C 68 2.35 -10.18 2.03
CA SER C 68 3.67 -10.58 2.51
C SER C 68 4.29 -9.50 3.41
N ILE C 69 4.34 -8.26 2.93
CA ILE C 69 4.93 -7.19 3.73
C ILE C 69 4.14 -6.91 5.01
N ALA C 70 2.82 -7.12 4.98
CA ALA C 70 2.02 -6.88 6.18
C ALA C 70 2.48 -7.83 7.29
N ILE C 71 2.61 -9.12 6.95
CA ILE C 71 3.07 -10.13 7.89
C ILE C 71 4.45 -9.81 8.45
N VAL C 72 5.37 -9.42 7.56
CA VAL C 72 6.72 -9.10 7.98
C VAL C 72 6.78 -7.89 8.88
N LEU C 73 6.07 -6.83 8.52
CA LEU C 73 6.06 -5.63 9.34
C LEU C 73 5.44 -5.93 10.72
N GLU C 74 4.34 -6.68 10.73
CA GLU C 74 3.67 -7.03 11.99
C GLU C 74 4.62 -7.80 12.92
N GLU C 75 5.39 -8.73 12.36
CA GLU C 75 6.30 -9.50 13.19
C GLU C 75 7.55 -8.70 13.58
N LEU C 76 8.04 -7.86 12.70
CA LEU C 76 9.20 -7.04 13.04
C LEU C 76 8.83 -6.08 14.18
N ALA C 77 7.60 -5.57 14.13
CA ALA C 77 7.12 -4.65 15.16
C ALA C 77 6.97 -5.37 16.50
N MET C 78 6.61 -6.65 16.46
CA MET C 78 6.46 -7.43 17.68
C MET C 78 7.84 -7.68 18.30
N LEU C 79 8.86 -7.65 17.46
CA LEU C 79 10.22 -7.87 17.93
C LEU C 79 10.91 -6.56 18.30
N GLY C 80 10.16 -5.46 18.27
CA GLY C 80 10.74 -4.18 18.65
C GLY C 80 10.89 -3.08 17.60
N ALA C 81 10.65 -3.39 16.32
CA ALA C 81 10.78 -2.37 15.29
C ALA C 81 9.60 -1.41 15.26
N ASN C 82 9.85 -0.14 14.94
CA ASN C 82 8.79 0.86 14.84
C ASN C 82 9.07 1.95 13.80
N VAL C 83 10.24 1.90 13.18
CA VAL C 83 10.61 2.86 12.13
C VAL C 83 11.01 2.04 10.91
N PHE C 84 10.28 2.20 9.82
CA PHE C 84 10.55 1.43 8.61
C PHE C 84 10.76 2.27 7.37
N ILE C 85 11.82 1.97 6.61
CA ILE C 85 12.07 2.67 5.36
C ILE C 85 12.23 1.61 4.29
N ARG C 86 11.31 1.59 3.34
CA ARG C 86 11.37 0.63 2.25
C ARG C 86 12.28 1.16 1.16
N TYR C 87 13.13 0.28 0.64
CA TYR C 87 14.05 0.66 -0.42
C TYR C 87 13.85 -0.43 -1.48
N GLY C 88 13.11 -0.10 -2.54
CA GLY C 88 12.87 -1.10 -3.57
C GLY C 88 13.06 -0.61 -4.98
N THR C 89 12.48 -1.33 -5.91
CA THR C 89 12.55 -0.99 -7.32
C THR C 89 11.16 -0.63 -7.78
N THR C 90 11.07 0.07 -8.89
CA THR C 90 9.79 0.51 -9.40
C THR C 90 9.82 0.71 -10.91
N GLY C 91 8.64 0.79 -11.49
CA GLY C 91 8.54 1.04 -12.92
C GLY C 91 7.99 2.44 -13.06
N ALA C 92 8.72 3.32 -13.73
CA ALA C 92 8.27 4.69 -13.92
C ALA C 92 7.04 4.71 -14.83
N LEU C 93 6.13 5.65 -14.57
CA LEU C 93 4.92 5.78 -15.38
C LEU C 93 4.98 7.02 -16.28
N VAL C 94 6.04 7.81 -16.13
CA VAL C 94 6.23 9.00 -16.93
C VAL C 94 7.50 8.81 -17.76
N PRO C 95 7.53 9.36 -18.97
CA PRO C 95 8.68 9.25 -19.89
C PRO C 95 9.96 9.97 -19.53
N TYR C 96 9.88 11.00 -18.68
CA TYR C 96 11.07 11.77 -18.31
C TYR C 96 11.94 11.25 -17.15
N ILE C 97 11.68 10.03 -16.70
CA ILE C 97 12.47 9.46 -15.61
C ILE C 97 13.35 8.33 -16.15
N ASN C 98 14.66 8.49 -16.01
CA ASN C 98 15.62 7.49 -16.50
C ASN C 98 15.92 6.40 -15.49
N LEU C 99 16.20 5.21 -16.01
CA LEU C 99 16.51 4.07 -15.18
C LEU C 99 17.69 4.39 -14.28
N GLY C 100 17.68 3.84 -13.07
CA GLY C 100 18.77 4.07 -12.15
C GLY C 100 18.55 5.27 -11.24
N GLU C 101 17.56 6.10 -11.57
CA GLU C 101 17.28 7.27 -10.74
C GLU C 101 16.34 6.88 -9.60
N TYR C 102 16.10 7.79 -8.66
CA TYR C 102 15.27 7.49 -7.50
C TYR C 102 13.97 8.25 -7.39
N ILE C 103 13.01 7.64 -6.72
CA ILE C 103 11.71 8.25 -6.48
C ILE C 103 11.42 8.19 -4.99
N ILE C 104 11.25 9.36 -4.38
CA ILE C 104 10.93 9.42 -2.96
C ILE C 104 9.42 9.51 -2.97
N VAL C 105 8.78 8.50 -2.39
CA VAL C 105 7.33 8.38 -2.36
C VAL C 105 6.59 9.28 -1.39
N THR C 106 5.57 9.98 -1.90
CA THR C 106 4.75 10.88 -1.09
C THR C 106 3.35 10.37 -0.79
N GLY C 107 2.99 9.26 -1.43
CA GLY C 107 1.66 8.68 -1.24
C GLY C 107 1.50 7.46 -2.11
N ALA C 108 0.48 6.66 -1.83
CA ALA C 108 0.25 5.47 -2.63
C ALA C 108 -1.22 5.26 -2.99
N SER C 109 -1.48 5.12 -4.29
CA SER C 109 -2.83 4.86 -4.77
C SER C 109 -2.97 3.34 -4.76
N TYR C 110 -4.20 2.86 -4.67
CA TYR C 110 -4.43 1.42 -4.65
C TYR C 110 -5.88 1.05 -4.95
N ASN C 111 -6.12 -0.21 -5.27
CA ASN C 111 -7.47 -0.68 -5.51
C ASN C 111 -7.98 -1.20 -4.18
N GLN C 112 -9.22 -0.87 -3.85
CA GLN C 112 -9.82 -1.31 -2.60
C GLN C 112 -9.93 -2.83 -2.57
N GLY C 113 -10.26 -3.37 -1.40
CA GLY C 113 -10.41 -4.81 -1.29
C GLY C 113 -9.46 -5.52 -0.35
N GLY C 114 -9.47 -6.85 -0.48
CA GLY C 114 -8.65 -7.73 0.29
C GLY C 114 -8.11 -7.31 1.63
N LEU C 115 -6.79 -7.13 1.65
CA LEU C 115 -6.06 -6.75 2.83
C LEU C 115 -6.60 -5.52 3.54
N PHE C 116 -6.89 -4.46 2.78
CA PHE C 116 -7.41 -3.23 3.37
C PHE C 116 -8.77 -3.40 4.05
N TYR C 117 -9.65 -4.22 3.45
CA TYR C 117 -10.97 -4.46 3.99
C TYR C 117 -10.88 -5.25 5.30
N GLN C 118 -9.98 -6.22 5.34
CA GLN C 118 -9.83 -7.03 6.55
C GLN C 118 -9.30 -6.19 7.70
N TYR C 119 -8.40 -5.26 7.40
CA TYR C 119 -7.82 -4.40 8.43
C TYR C 119 -8.70 -3.19 8.75
N LEU C 120 -9.22 -2.52 7.73
CA LEU C 120 -10.03 -1.32 7.91
C LEU C 120 -11.50 -1.58 8.26
N ARG C 121 -11.98 -2.79 7.97
CA ARG C 121 -13.35 -3.20 8.27
C ARG C 121 -14.43 -2.62 7.34
N ASP C 122 -14.01 -1.86 6.33
CA ASP C 122 -14.94 -1.30 5.36
C ASP C 122 -14.11 -0.85 4.16
N ASN C 123 -14.73 -0.27 3.14
CA ASN C 123 -13.97 0.13 1.97
C ASN C 123 -13.61 1.61 1.84
N ALA C 124 -13.55 2.32 2.96
CA ALA C 124 -13.18 3.73 2.89
C ALA C 124 -11.77 3.90 2.31
N CYS C 125 -11.54 5.00 1.61
CA CYS C 125 -10.21 5.24 1.07
C CYS C 125 -9.40 6.02 2.09
N VAL C 126 -8.70 5.30 2.95
CA VAL C 126 -7.87 5.93 3.97
C VAL C 126 -6.60 6.45 3.30
N ALA C 127 -6.23 7.69 3.62
CA ALA C 127 -5.04 8.30 3.03
C ALA C 127 -3.81 7.42 3.28
N SER C 128 -3.20 6.96 2.20
CA SER C 128 -2.03 6.09 2.31
C SER C 128 -0.79 6.92 2.10
N THR C 129 -0.27 7.47 3.19
CA THR C 129 0.89 8.35 3.15
C THR C 129 1.97 7.98 4.16
N PRO C 130 3.23 8.33 3.86
CA PRO C 130 4.40 8.05 4.71
C PRO C 130 4.52 9.14 5.78
N ASP C 131 5.43 8.93 6.74
CA ASP C 131 5.65 9.92 7.79
C ASP C 131 6.18 11.18 7.14
N PHE C 132 5.56 12.31 7.44
CA PHE C 132 5.96 13.58 6.86
C PHE C 132 7.43 13.93 7.11
N GLU C 133 7.83 13.93 8.38
CA GLU C 133 9.20 14.25 8.75
C GLU C 133 10.24 13.33 8.12
N LEU C 134 10.07 12.03 8.30
CA LEU C 134 11.02 11.06 7.76
C LEU C 134 11.19 11.22 6.24
N THR C 135 10.10 11.51 5.53
CA THR C 135 10.20 11.68 4.09
C THR C 135 11.03 12.90 3.75
N ASN C 136 10.88 13.98 4.52
CA ASN C 136 11.67 15.19 4.24
C ASN C 136 13.15 14.95 4.51
N LYS C 137 13.45 14.10 5.50
CA LYS C 137 14.84 13.78 5.81
C LYS C 137 15.45 12.99 4.64
N LEU C 138 14.68 12.05 4.09
CA LEU C 138 15.15 11.27 2.95
C LEU C 138 15.51 12.24 1.84
N VAL C 139 14.61 13.18 1.59
CA VAL C 139 14.81 14.20 0.55
C VAL C 139 16.13 14.91 0.82
N THR C 140 16.35 15.28 2.07
CA THR C 140 17.57 15.97 2.45
C THR C 140 18.80 15.09 2.25
N SER C 141 18.73 13.85 2.71
CA SER C 141 19.87 12.94 2.57
C SER C 141 20.26 12.73 1.10
N PHE C 142 19.26 12.56 0.24
CA PHE C 142 19.53 12.35 -1.17
C PHE C 142 20.11 13.56 -1.89
N SER C 143 19.56 14.74 -1.63
CA SER C 143 20.07 15.94 -2.28
C SER C 143 21.51 16.25 -1.82
N LYS C 144 21.81 15.93 -0.56
CA LYS C 144 23.15 16.17 -0.05
C LYS C 144 24.14 15.27 -0.78
N ARG C 145 23.71 14.07 -1.13
CA ARG C 145 24.55 13.11 -1.84
C ARG C 145 24.53 13.40 -3.34
N ASN C 146 23.94 14.52 -3.73
CA ASN C 146 23.85 14.89 -5.14
C ASN C 146 23.31 13.74 -5.99
N LEU C 147 22.20 13.16 -5.57
CA LEU C 147 21.58 12.06 -6.30
C LEU C 147 20.34 12.56 -7.03
N LYS C 148 20.05 11.99 -8.19
CA LYS C 148 18.91 12.39 -8.99
C LYS C 148 17.63 11.67 -8.55
N TYR C 149 16.76 12.40 -7.86
CA TYR C 149 15.52 11.81 -7.37
C TYR C 149 14.30 12.63 -7.78
N TYR C 150 13.13 11.99 -7.73
CA TYR C 150 11.89 12.66 -8.03
C TYR C 150 10.97 12.41 -6.85
N VAL C 151 10.06 13.34 -6.58
CA VAL C 151 9.13 13.20 -5.48
C VAL C 151 7.72 13.09 -6.05
N GLY C 152 7.02 12.03 -5.68
CA GLY C 152 5.66 11.85 -6.18
C GLY C 152 4.97 10.62 -5.62
N ASN C 153 3.70 10.45 -6.01
CA ASN C 153 2.91 9.32 -5.57
C ASN C 153 3.14 8.13 -6.48
N VAL C 154 2.80 6.94 -5.97
CA VAL C 154 2.94 5.72 -6.76
C VAL C 154 1.69 4.91 -6.64
N PHE C 155 1.48 4.02 -7.61
CA PHE C 155 0.35 3.13 -7.55
C PHE C 155 0.89 1.79 -7.07
N SER C 156 0.29 1.24 -6.02
CA SER C 156 0.69 -0.06 -5.50
C SER C 156 -0.22 -1.12 -6.09
N SER C 157 0.27 -1.82 -7.11
CA SER C 157 -0.49 -2.86 -7.78
C SER C 157 -0.49 -4.17 -7.02
N ASP C 158 -1.50 -5.00 -7.27
CA ASP C 158 -1.58 -6.30 -6.62
C ASP C 158 -1.33 -7.40 -7.66
N ALA C 159 -1.36 -7.02 -8.93
CA ALA C 159 -1.18 -7.97 -10.01
C ALA C 159 -0.14 -7.50 -11.04
N PHE C 160 1.10 -7.89 -10.79
CA PHE C 160 2.22 -7.54 -11.64
C PHE C 160 1.95 -7.83 -13.11
N TYR C 161 1.37 -8.99 -13.40
CA TYR C 161 1.11 -9.37 -14.78
C TYR C 161 -0.24 -9.04 -15.37
N ALA C 162 -0.97 -8.12 -14.73
CA ALA C 162 -2.26 -7.68 -15.24
C ALA C 162 -2.01 -6.31 -15.87
N GLU C 163 -1.17 -5.50 -15.20
CA GLU C 163 -0.79 -4.15 -15.62
C GLU C 163 -0.69 -4.00 -17.15
N ASP C 164 -1.86 -3.86 -17.77
CA ASP C 164 -2.00 -3.76 -19.22
C ASP C 164 -1.54 -2.48 -19.91
N GLU C 165 -2.12 -2.25 -21.08
CA GLU C 165 -1.83 -1.10 -21.94
C GLU C 165 -2.40 0.18 -21.36
N GLU C 166 -3.72 0.26 -21.29
CA GLU C 166 -4.42 1.43 -20.76
C GLU C 166 -3.86 1.82 -19.39
N PHE C 167 -3.16 0.86 -18.78
CA PHE C 167 -2.55 1.02 -17.46
C PHE C 167 -1.79 2.32 -17.24
N VAL C 168 -0.69 2.49 -17.97
CA VAL C 168 0.15 3.66 -17.83
C VAL C 168 -0.60 4.99 -17.91
N LYS C 169 -1.49 5.11 -18.88
CA LYS C 169 -2.25 6.35 -19.03
C LYS C 169 -3.18 6.60 -17.85
N LYS C 170 -3.86 5.56 -17.41
CA LYS C 170 -4.79 5.68 -16.30
C LYS C 170 -4.10 6.19 -15.03
N TRP C 171 -3.07 5.48 -14.57
CA TRP C 171 -2.37 5.85 -13.36
C TRP C 171 -1.52 7.12 -13.40
N SER C 172 -0.90 7.42 -14.53
CA SER C 172 -0.12 8.64 -14.62
C SER C 172 -1.06 9.85 -14.71
N SER C 173 -2.24 9.66 -15.28
CA SER C 173 -3.20 10.75 -15.39
C SER C 173 -3.85 10.99 -14.02
N ARG C 174 -3.59 10.09 -13.07
CA ARG C 174 -4.13 10.21 -11.71
C ARG C 174 -3.10 10.73 -10.70
N GLY C 175 -1.96 11.20 -11.20
CA GLY C 175 -0.96 11.74 -10.29
C GLY C 175 0.12 10.80 -9.83
N ASN C 176 0.19 9.61 -10.41
CA ASN C 176 1.22 8.65 -10.00
C ASN C 176 2.34 8.63 -11.02
N ILE C 177 3.59 8.59 -10.54
CA ILE C 177 4.72 8.60 -11.44
C ILE C 177 5.44 7.26 -11.51
N ALA C 178 4.95 6.28 -10.75
CA ALA C 178 5.55 4.96 -10.74
C ALA C 178 4.59 3.91 -10.22
N VAL C 179 4.93 2.65 -10.46
CA VAL C 179 4.13 1.52 -10.01
C VAL C 179 5.05 0.57 -9.22
N GLU C 180 4.53 0.10 -8.10
CA GLU C 180 5.27 -0.79 -7.22
C GLU C 180 4.20 -1.68 -6.57
N MET C 181 4.54 -2.52 -5.58
CA MET C 181 3.50 -3.39 -5.03
C MET C 181 3.25 -3.37 -3.53
N GLU C 182 4.07 -2.68 -2.75
CA GLU C 182 3.81 -2.71 -1.33
C GLU C 182 3.71 -1.41 -0.52
N CYS C 183 3.95 -0.25 -1.16
CA CYS C 183 3.88 1.03 -0.43
C CYS C 183 2.54 1.33 0.24
N ALA C 184 1.43 1.00 -0.42
CA ALA C 184 0.12 1.28 0.17
C ALA C 184 -0.08 0.49 1.47
N THR C 185 0.30 -0.78 1.47
CA THR C 185 0.18 -1.62 2.65
C THR C 185 1.09 -1.06 3.75
N LEU C 186 2.33 -0.72 3.40
CA LEU C 186 3.30 -0.17 4.35
C LEU C 186 2.77 1.10 5.03
N PHE C 187 2.37 2.07 4.22
CA PHE C 187 1.87 3.34 4.72
C PHE C 187 0.59 3.26 5.54
N THR C 188 -0.41 2.55 5.03
CA THR C 188 -1.68 2.44 5.73
C THR C 188 -1.56 1.69 7.05
N LEU C 189 -0.87 0.55 7.02
CA LEU C 189 -0.68 -0.25 8.22
C LEU C 189 0.13 0.55 9.24
N SER C 190 1.12 1.31 8.76
CA SER C 190 1.92 2.12 9.68
C SER C 190 1.07 3.19 10.37
N LYS C 191 0.25 3.87 9.58
CA LYS C 191 -0.62 4.93 10.12
C LYS C 191 -1.54 4.31 11.17
N VAL C 192 -2.04 3.11 10.88
CA VAL C 192 -2.93 2.39 11.79
C VAL C 192 -2.25 1.81 13.02
N LYS C 193 -1.02 1.31 12.89
CA LYS C 193 -0.30 0.72 14.03
C LYS C 193 0.62 1.70 14.77
N GLY C 194 0.79 2.90 14.19
CA GLY C 194 1.63 3.90 14.82
C GLY C 194 3.12 3.82 14.50
N TRP C 195 3.45 3.30 13.31
CA TRP C 195 4.85 3.20 12.93
C TRP C 195 5.23 4.39 12.04
N LYS C 196 6.50 4.75 12.04
CA LYS C 196 6.96 5.85 11.18
C LYS C 196 7.58 5.20 9.95
N SER C 197 6.98 5.43 8.78
CA SER C 197 7.46 4.83 7.55
C SER C 197 7.71 5.81 6.41
N ALA C 198 8.55 5.39 5.48
CA ALA C 198 8.88 6.19 4.30
C ALA C 198 9.36 5.22 3.21
N THR C 199 9.47 5.71 1.98
CA THR C 199 9.92 4.85 0.90
C THR C 199 10.69 5.58 -0.20
N VAL C 200 11.77 4.95 -0.64
CA VAL C 200 12.58 5.47 -1.73
C VAL C 200 12.72 4.27 -2.69
N LEU C 201 12.51 4.53 -3.98
CA LEU C 201 12.58 3.48 -4.99
C LEU C 201 13.62 3.75 -6.09
N VAL C 202 14.23 2.68 -6.58
CA VAL C 202 15.20 2.79 -7.68
C VAL C 202 14.42 2.42 -8.95
N VAL C 203 14.45 3.27 -9.96
CA VAL C 203 13.74 3.01 -11.20
C VAL C 203 14.40 1.87 -11.99
N SER C 204 13.75 0.72 -12.04
CA SER C 204 14.29 -0.45 -12.73
C SER C 204 13.76 -0.65 -14.13
N ASP C 205 12.74 0.12 -14.51
CA ASP C 205 12.14 0.02 -15.82
C ASP C 205 11.18 1.19 -16.03
N ASN C 206 10.95 1.57 -17.28
CA ASN C 206 10.04 2.67 -17.57
C ASN C 206 8.94 2.14 -18.49
N LEU C 207 7.74 2.01 -17.94
CA LEU C 207 6.59 1.50 -18.69
C LEU C 207 6.11 2.47 -19.76
N ALA C 208 6.58 3.71 -19.68
CA ALA C 208 6.21 4.72 -20.65
C ALA C 208 7.21 4.72 -21.81
N LYS C 209 8.31 3.99 -21.64
CA LYS C 209 9.34 3.91 -22.67
C LYS C 209 10.03 2.55 -22.73
N LEU C 219 23.05 -0.71 -12.31
CA LEU C 219 21.87 -0.90 -11.43
C LEU C 219 22.24 -1.11 -9.97
N GLU C 220 22.96 -2.19 -9.70
CA GLU C 220 23.39 -2.49 -8.33
C GLU C 220 24.21 -1.30 -7.88
N LYS C 221 24.75 -0.58 -8.85
CA LYS C 221 25.55 0.61 -8.61
C LYS C 221 24.59 1.65 -8.05
N SER C 222 23.39 1.67 -8.62
CA SER C 222 22.35 2.60 -8.19
C SER C 222 21.85 2.24 -6.79
N VAL C 223 21.60 0.96 -6.56
CA VAL C 223 21.14 0.50 -5.25
C VAL C 223 22.17 0.89 -4.18
N MET C 224 23.44 0.53 -4.43
CA MET C 224 24.50 0.85 -3.48
C MET C 224 24.64 2.35 -3.30
N ASP C 225 24.64 3.08 -4.41
CA ASP C 225 24.78 4.55 -4.38
C ASP C 225 23.77 5.27 -3.49
N GLY C 226 22.56 4.74 -3.37
CA GLY C 226 21.54 5.39 -2.56
C GLY C 226 21.27 4.77 -1.22
N ALA C 227 21.74 3.54 -1.02
CA ALA C 227 21.55 2.85 0.25
C ALA C 227 22.20 3.67 1.35
N LYS C 228 23.30 4.33 1.01
CA LYS C 228 24.02 5.17 1.97
C LYS C 228 23.15 6.32 2.45
N ALA C 229 22.49 6.98 1.51
CA ALA C 229 21.60 8.11 1.85
C ALA C 229 20.45 7.59 2.73
N VAL C 230 19.94 6.41 2.38
CA VAL C 230 18.85 5.82 3.14
C VAL C 230 19.32 5.51 4.55
N LEU C 231 20.47 4.83 4.66
CA LEU C 231 21.01 4.49 5.97
C LEU C 231 21.32 5.74 6.78
N ASP C 232 21.79 6.78 6.12
CA ASP C 232 22.08 8.05 6.81
C ASP C 232 20.80 8.57 7.45
N THR C 233 19.69 8.51 6.71
CA THR C 233 18.42 8.98 7.22
C THR C 233 17.90 8.13 8.37
N LEU C 234 18.03 6.81 8.24
CA LEU C 234 17.56 5.89 9.28
C LEU C 234 18.34 6.01 10.58
N THR C 235 19.58 6.49 10.49
CA THR C 235 20.44 6.61 11.66
C THR C 235 20.69 8.05 12.09
N SER C 236 19.83 8.97 11.66
CA SER C 236 20.01 10.37 12.03
C SER C 236 19.25 10.70 13.32
#